data_8F5C
# 
_entry.id   8F5C 
# 
_audit_conform.dict_name       mmcif_pdbx.dic 
_audit_conform.dict_version    5.379 
_audit_conform.dict_location   http://mmcif.pdb.org/dictionaries/ascii/mmcif_pdbx.dic 
# 
loop_
_database_2.database_id 
_database_2.database_code 
_database_2.pdbx_database_accession 
_database_2.pdbx_DOI 
PDB   8F5C         pdb_00008f5c 10.2210/pdb8f5c/pdb 
WWPDB D_1000270027 ?            ?                   
# 
_pdbx_database_status.status_code                     REL 
_pdbx_database_status.status_code_sf                  REL 
_pdbx_database_status.status_code_mr                  ? 
_pdbx_database_status.entry_id                        8F5C 
_pdbx_database_status.recvd_initial_deposition_date   2022-11-13 
_pdbx_database_status.SG_entry                        N 
_pdbx_database_status.deposit_site                    RCSB 
_pdbx_database_status.process_site                    RCSB 
_pdbx_database_status.status_code_cs                  ? 
_pdbx_database_status.status_code_nmr_data            ? 
_pdbx_database_status.methods_development_category    ? 
_pdbx_database_status.pdb_format_compatible           Y 
# 
loop_
_audit_author.name 
_audit_author.pdbx_ordinal 
_audit_author.identifier_ORCID 
'Zhang, W.'  1 ? 
'Dantsu, Y.' 2 ? 
# 
_citation.abstract                  ? 
_citation.abstract_id_CAS           ? 
_citation.book_id_ISBN              ? 
_citation.book_publisher            ? 
_citation.book_publisher_city       ? 
_citation.book_title                ? 
_citation.coordinate_linkage        ? 
_citation.country                   DE 
_citation.database_id_Medline       ? 
_citation.details                   ? 
_citation.id                        primary 
_citation.journal_abbrev            Chemistryselect 
_citation.journal_id_ASTM           ? 
_citation.journal_id_CSD            ? 
_citation.journal_id_ISSN           2365-6549 
_citation.journal_full              ? 
_citation.journal_issue             ? 
_citation.journal_volume            ? 
_citation.language                  ? 
_citation.page_first                ? 
_citation.page_last                 ? 
_citation.title                     
;Synthesis and Structural Characterization of 2'-Deoxy-2'-Methoxy-L-Cytidine Nucleic Acids
;
_citation.year                      2023 
_citation.database_id_CSD           ? 
_citation.pdbx_database_id_DOI      10.1002/slct.202301966 
_citation.pdbx_database_id_PubMed   ? 
_citation.pdbx_database_id_patent   ? 
_citation.unpublished_flag          ? 
# 
loop_
_citation_author.citation_id 
_citation_author.name 
_citation_author.ordinal 
_citation_author.identifier_ORCID 
primary 'Dantsu, Y.' 1 ? 
primary 'Zhang, W.'  2 ? 
# 
_cell.angle_alpha                  90.00 
_cell.angle_alpha_esd              ? 
_cell.angle_beta                   90.00 
_cell.angle_beta_esd               ? 
_cell.angle_gamma                  90.00 
_cell.angle_gamma_esd              ? 
_cell.entry_id                     8F5C 
_cell.details                      ? 
_cell.formula_units_Z              ? 
_cell.length_a                     41.900 
_cell.length_a_esd                 ? 
_cell.length_b                     41.900 
_cell.length_b_esd                 ? 
_cell.length_c                     23.820 
_cell.length_c_esd                 ? 
_cell.volume                       ? 
_cell.volume_esd                   ? 
_cell.Z_PDB                        8 
_cell.reciprocal_angle_alpha       ? 
_cell.reciprocal_angle_beta        ? 
_cell.reciprocal_angle_gamma       ? 
_cell.reciprocal_angle_alpha_esd   ? 
_cell.reciprocal_angle_beta_esd    ? 
_cell.reciprocal_angle_gamma_esd   ? 
_cell.reciprocal_length_a          ? 
_cell.reciprocal_length_b          ? 
_cell.reciprocal_length_c          ? 
_cell.reciprocal_length_a_esd      ? 
_cell.reciprocal_length_b_esd      ? 
_cell.reciprocal_length_c_esd      ? 
_cell.pdbx_unique_axis             ? 
_cell.pdbx_esd_method              ? 
# 
_symmetry.entry_id                         8F5C 
_symmetry.cell_setting                     ? 
_symmetry.Int_Tables_number                92 
_symmetry.space_group_name_Hall            ? 
_symmetry.space_group_name_H-M             'P 41 21 2' 
_symmetry.pdbx_full_space_group_name_H-M   ? 
# 
loop_
_entity.id 
_entity.type 
_entity.src_method 
_entity.pdbx_description 
_entity.formula_weight 
_entity.pdbx_number_of_molecules 
_entity.pdbx_ec 
_entity.pdbx_mutation 
_entity.pdbx_fragment 
_entity.details 
1 polymer     syn 
;DNA (5'-D(*(0DG))-R(P*(XE6))-D(P*(0DG)P*(0DT)P*(0DA)P*(0DC)P*(0DG)P*(0DC))-3')
;
2457.631 1  ? ? ? ? 
2 non-polymer syn 'MAGNESIUM ION'                                                                  24.305   2  ? ? ? ? 
3 water       nat water                                                                            18.015   53 ? ? ? ? 
# 
_entity_poly.entity_id                      1 
_entity_poly.type                           polydeoxyribonucleotide 
_entity_poly.nstd_linkage                   no 
_entity_poly.nstd_monomer                   yes 
_entity_poly.pdbx_seq_one_letter_code       '(0DG)(XE6)(0DG)(0DT)(0DA)(0DC)(0DG)(0DC)' 
_entity_poly.pdbx_seq_one_letter_code_can   GXGTACGC 
_entity_poly.pdbx_strand_id                 A 
_entity_poly.pdbx_target_identifier         ? 
# 
loop_
_entity_poly_seq.entity_id 
_entity_poly_seq.num 
_entity_poly_seq.mon_id 
_entity_poly_seq.hetero 
1 1 0DG n 
1 2 XE6 n 
1 3 0DG n 
1 4 0DT n 
1 5 0DA n 
1 6 0DC n 
1 7 0DG n 
1 8 0DC n 
# 
_pdbx_entity_src_syn.entity_id              1 
_pdbx_entity_src_syn.pdbx_src_id            1 
_pdbx_entity_src_syn.pdbx_alt_source_flag   sample 
_pdbx_entity_src_syn.pdbx_beg_seq_num       1 
_pdbx_entity_src_syn.pdbx_end_seq_num       8 
_pdbx_entity_src_syn.organism_scientific    'synthetic construct' 
_pdbx_entity_src_syn.organism_common_name   ? 
_pdbx_entity_src_syn.ncbi_taxonomy_id       32630 
_pdbx_entity_src_syn.details                ? 
# 
_struct_ref.id                         1 
_struct_ref.db_name                    PDB 
_struct_ref.db_code                    8F5C 
_struct_ref.pdbx_db_accession          8F5C 
_struct_ref.pdbx_db_isoform            ? 
_struct_ref.entity_id                  1 
_struct_ref.pdbx_seq_one_letter_code   ? 
_struct_ref.pdbx_align_begin           1 
# 
_struct_ref_seq.align_id                      1 
_struct_ref_seq.ref_id                        1 
_struct_ref_seq.pdbx_PDB_id_code              8F5C 
_struct_ref_seq.pdbx_strand_id                A 
_struct_ref_seq.seq_align_beg                 1 
_struct_ref_seq.pdbx_seq_align_beg_ins_code   ? 
_struct_ref_seq.seq_align_end                 8 
_struct_ref_seq.pdbx_seq_align_end_ins_code   ? 
_struct_ref_seq.pdbx_db_accession             8F5C 
_struct_ref_seq.db_align_beg                  1 
_struct_ref_seq.pdbx_db_align_beg_ins_code    ? 
_struct_ref_seq.db_align_end                  8 
_struct_ref_seq.pdbx_db_align_end_ins_code    ? 
_struct_ref_seq.pdbx_auth_seq_align_beg       1 
_struct_ref_seq.pdbx_auth_seq_align_end       8 
# 
loop_
_chem_comp.id 
_chem_comp.type 
_chem_comp.mon_nstd_flag 
_chem_comp.name 
_chem_comp.pdbx_synonyms 
_chem_comp.formula 
_chem_comp.formula_weight 
0DA 'L-DNA linking' . 
;2'-DEOXY-L-RIBO-FURANOSYL ADENOSINE-5'-MONOPHOSPHATE
;
? 'C10 H14 N5 O6 P' 331.222 
0DC 'L-DNA linking' . 
;2'-DEOXY-L-RIBO-FURANOSYL CYTOSINE-5'-MONOPHOSPHATE
;
? 'C9 H14 N3 O7 P'  307.197 
0DG 'L-DNA linking' . 
;2'-DEOXY-L-RIBO-FURANOSYL GUANINE-5'-MONOPHOSPHATE
;
? 'C10 H14 N5 O7 P' 347.221 
0DT 'L-DNA linking' . 
;2'-DEOXY-L-RIBO-FURANOSYL THYMIDINE-5'-MONOPHOSPHATE
;
? 'C10 H15 N2 O8 P' 322.208 
HOH non-polymer     . WATER                                                                          ? 'H2 O'            18.015  
MG  non-polymer     . 'MAGNESIUM ION'                                                                ? 'Mg 2'            24.305  
XE6 'RNA linking'   . '4-amino-1-(2-O-methyl-5-O-phosphono-beta-L-ribofuranosyl)pyrimidin-2(1H)-one' ? 'C10 H16 N3 O8 P' 337.223 
# 
_exptl.absorpt_coefficient_mu     ? 
_exptl.absorpt_correction_T_max   ? 
_exptl.absorpt_correction_T_min   ? 
_exptl.absorpt_correction_type    ? 
_exptl.absorpt_process_details    ? 
_exptl.entry_id                   8F5C 
_exptl.crystals_number            1 
_exptl.details                    ? 
_exptl.method                     'X-RAY DIFFRACTION' 
_exptl.method_details             ? 
# 
_exptl_crystal.colour                       ? 
_exptl_crystal.density_diffrn               ? 
_exptl_crystal.density_Matthews             2.18 
_exptl_crystal.density_method               ? 
_exptl_crystal.density_percent_sol          42.17 
_exptl_crystal.description                  ? 
_exptl_crystal.F_000                        ? 
_exptl_crystal.id                           1 
_exptl_crystal.preparation                  ? 
_exptl_crystal.size_max                     ? 
_exptl_crystal.size_mid                     ? 
_exptl_crystal.size_min                     ? 
_exptl_crystal.size_rad                     ? 
_exptl_crystal.colour_lustre                ? 
_exptl_crystal.colour_modifier              ? 
_exptl_crystal.colour_primary               ? 
_exptl_crystal.density_meas                 ? 
_exptl_crystal.density_meas_esd             ? 
_exptl_crystal.density_meas_gt              ? 
_exptl_crystal.density_meas_lt              ? 
_exptl_crystal.density_meas_temp            ? 
_exptl_crystal.density_meas_temp_esd        ? 
_exptl_crystal.density_meas_temp_gt         ? 
_exptl_crystal.density_meas_temp_lt         ? 
_exptl_crystal.pdbx_crystal_image_url       ? 
_exptl_crystal.pdbx_crystal_image_format    ? 
_exptl_crystal.pdbx_mosaicity               ? 
_exptl_crystal.pdbx_mosaicity_esd           ? 
_exptl_crystal.pdbx_mosaic_method           ? 
_exptl_crystal.pdbx_mosaic_block_size       ? 
_exptl_crystal.pdbx_mosaic_block_size_esd   ? 
# 
_exptl_crystal_grow.apparatus       ? 
_exptl_crystal_grow.atmosphere      ? 
_exptl_crystal_grow.crystal_id      1 
_exptl_crystal_grow.details         ? 
_exptl_crystal_grow.method          'VAPOR DIFFUSION, HANGING DROP' 
_exptl_crystal_grow.method_ref      ? 
_exptl_crystal_grow.pH              7.5 
_exptl_crystal_grow.pressure        ? 
_exptl_crystal_grow.pressure_esd    ? 
_exptl_crystal_grow.seeding         ? 
_exptl_crystal_grow.seeding_ref     ? 
_exptl_crystal_grow.temp            293 
_exptl_crystal_grow.temp_details    ? 
_exptl_crystal_grow.temp_esd        ? 
_exptl_crystal_grow.time            ? 
_exptl_crystal_grow.pdbx_details    '0.1M Magnesium chloride, 0.1 M HEPES sodium pH 7.5, 20% v/v (+/-)-2-Methyl-2,4-pentanediol' 
_exptl_crystal_grow.pdbx_pH_range   ? 
# 
_diffrn.ambient_environment              ? 
_diffrn.ambient_temp                     99 
_diffrn.ambient_temp_details             ? 
_diffrn.ambient_temp_esd                 ? 
_diffrn.crystal_id                       1 
_diffrn.crystal_support                  ? 
_diffrn.crystal_treatment                ? 
_diffrn.details                          ? 
_diffrn.id                               1 
_diffrn.ambient_pressure                 ? 
_diffrn.ambient_pressure_esd             ? 
_diffrn.ambient_pressure_gt              ? 
_diffrn.ambient_pressure_lt              ? 
_diffrn.ambient_temp_gt                  ? 
_diffrn.ambient_temp_lt                  ? 
_diffrn.pdbx_serial_crystal_experiment   N 
# 
_diffrn_detector.details                      ? 
_diffrn_detector.detector                     CCD 
_diffrn_detector.diffrn_id                    1 
_diffrn_detector.type                         'RAYONIX MX-300' 
_diffrn_detector.area_resol_mean              ? 
_diffrn_detector.dtime                        ? 
_diffrn_detector.pdbx_frames_total            ? 
_diffrn_detector.pdbx_collection_time_total   ? 
_diffrn_detector.pdbx_collection_date         2022-10-15 
_diffrn_detector.pdbx_frequency               ? 
# 
_diffrn_radiation.collimation                      ? 
_diffrn_radiation.diffrn_id                        1 
_diffrn_radiation.filter_edge                      ? 
_diffrn_radiation.inhomogeneity                    ? 
_diffrn_radiation.monochromator                    ? 
_diffrn_radiation.polarisn_norm                    ? 
_diffrn_radiation.polarisn_ratio                   ? 
_diffrn_radiation.probe                            ? 
_diffrn_radiation.type                             ? 
_diffrn_radiation.xray_symbol                      ? 
_diffrn_radiation.wavelength_id                    1 
_diffrn_radiation.pdbx_monochromatic_or_laue_m_l   M 
_diffrn_radiation.pdbx_wavelength_list             ? 
_diffrn_radiation.pdbx_wavelength                  ? 
_diffrn_radiation.pdbx_diffrn_protocol             'SINGLE WAVELENGTH' 
_diffrn_radiation.pdbx_analyzer                    ? 
_diffrn_radiation.pdbx_scattering_type             x-ray 
# 
_diffrn_radiation_wavelength.id           1 
_diffrn_radiation_wavelength.wavelength   0.9787 
_diffrn_radiation_wavelength.wt           1.0 
# 
_diffrn_source.current                     ? 
_diffrn_source.details                     ? 
_diffrn_source.diffrn_id                   1 
_diffrn_source.power                       ? 
_diffrn_source.size                        ? 
_diffrn_source.source                      SYNCHROTRON 
_diffrn_source.target                      ? 
_diffrn_source.type                        'APS BEAMLINE 21-ID-F' 
_diffrn_source.voltage                     ? 
_diffrn_source.take-off_angle              ? 
_diffrn_source.pdbx_wavelength_list        0.9787 
_diffrn_source.pdbx_wavelength             ? 
_diffrn_source.pdbx_synchrotron_beamline   21-ID-F 
_diffrn_source.pdbx_synchrotron_site       APS 
# 
_reflns.B_iso_Wilson_estimate                          ? 
_reflns.entry_id                                       8F5C 
_reflns.data_reduction_details                         ? 
_reflns.data_reduction_method                          ? 
_reflns.d_resolution_high                              1.15 
_reflns.d_resolution_low                               23.82 
_reflns.details                                        ? 
_reflns.limit_h_max                                    ? 
_reflns.limit_h_min                                    ? 
_reflns.limit_k_max                                    ? 
_reflns.limit_k_min                                    ? 
_reflns.limit_l_max                                    ? 
_reflns.limit_l_min                                    ? 
_reflns.number_all                                     ? 
_reflns.number_obs                                     7947 
_reflns.observed_criterion                             ? 
_reflns.observed_criterion_F_max                       ? 
_reflns.observed_criterion_F_min                       ? 
_reflns.observed_criterion_I_max                       ? 
_reflns.observed_criterion_I_min                       ? 
_reflns.observed_criterion_sigma_F                     ? 
_reflns.observed_criterion_sigma_I                     ? 
_reflns.percent_possible_obs                           99.8 
_reflns.R_free_details                                 ? 
_reflns.Rmerge_F_all                                   ? 
_reflns.Rmerge_F_obs                                   ? 
_reflns.Friedel_coverage                               ? 
_reflns.number_gt                                      ? 
_reflns.threshold_expression                           ? 
_reflns.pdbx_redundancy                                13 
_reflns.pdbx_Rmerge_I_obs                              0.04 
_reflns.pdbx_Rmerge_I_all                              ? 
_reflns.pdbx_Rsym_value                                ? 
_reflns.pdbx_netI_over_av_sigmaI                       ? 
_reflns.pdbx_netI_over_sigmaI                          28.1 
_reflns.pdbx_res_netI_over_av_sigmaI_2                 ? 
_reflns.pdbx_res_netI_over_sigmaI_2                    ? 
_reflns.pdbx_chi_squared                               0.98 
_reflns.pdbx_scaling_rejects                           ? 
_reflns.pdbx_d_res_high_opt                            ? 
_reflns.pdbx_d_res_low_opt                             ? 
_reflns.pdbx_d_res_opt_method                          ? 
_reflns.phase_calculation_details                      ? 
_reflns.pdbx_Rrim_I_all                                0.043 
_reflns.pdbx_Rpim_I_all                                0.016 
_reflns.pdbx_d_opt                                     ? 
_reflns.pdbx_number_measured_all                       ? 
_reflns.pdbx_diffrn_id                                 1 
_reflns.pdbx_ordinal                                   1 
_reflns.pdbx_CC_half                                   ? 
_reflns.pdbx_CC_star                                   ? 
_reflns.pdbx_R_split                                   ? 
_reflns.pdbx_aniso_diffraction_limit_axis_1_ortho[1]   ? 
_reflns.pdbx_aniso_diffraction_limit_axis_1_ortho[2]   ? 
_reflns.pdbx_aniso_diffraction_limit_axis_1_ortho[3]   ? 
_reflns.pdbx_aniso_diffraction_limit_axis_2_ortho[1]   ? 
_reflns.pdbx_aniso_diffraction_limit_axis_2_ortho[2]   ? 
_reflns.pdbx_aniso_diffraction_limit_axis_2_ortho[3]   ? 
_reflns.pdbx_aniso_diffraction_limit_axis_3_ortho[1]   ? 
_reflns.pdbx_aniso_diffraction_limit_axis_3_ortho[2]   ? 
_reflns.pdbx_aniso_diffraction_limit_axis_3_ortho[3]   ? 
_reflns.pdbx_aniso_diffraction_limit_1                 ? 
_reflns.pdbx_aniso_diffraction_limit_2                 ? 
_reflns.pdbx_aniso_diffraction_limit_3                 ? 
_reflns.pdbx_aniso_B_tensor_eigenvector_1_ortho[1]     ? 
_reflns.pdbx_aniso_B_tensor_eigenvector_1_ortho[2]     ? 
_reflns.pdbx_aniso_B_tensor_eigenvector_1_ortho[3]     ? 
_reflns.pdbx_aniso_B_tensor_eigenvector_2_ortho[1]     ? 
_reflns.pdbx_aniso_B_tensor_eigenvector_2_ortho[2]     ? 
_reflns.pdbx_aniso_B_tensor_eigenvector_2_ortho[3]     ? 
_reflns.pdbx_aniso_B_tensor_eigenvector_3_ortho[1]     ? 
_reflns.pdbx_aniso_B_tensor_eigenvector_3_ortho[2]     ? 
_reflns.pdbx_aniso_B_tensor_eigenvector_3_ortho[3]     ? 
_reflns.pdbx_aniso_B_tensor_eigenvalue_1               ? 
_reflns.pdbx_aniso_B_tensor_eigenvalue_2               ? 
_reflns.pdbx_aniso_B_tensor_eigenvalue_3               ? 
_reflns.pdbx_orthogonalization_convention              ? 
_reflns.pdbx_percent_possible_ellipsoidal              ? 
_reflns.pdbx_percent_possible_spherical                ? 
_reflns.pdbx_percent_possible_ellipsoidal_anomalous    ? 
_reflns.pdbx_percent_possible_spherical_anomalous      ? 
_reflns.pdbx_redundancy_anomalous                      ? 
_reflns.pdbx_CC_half_anomalous                         ? 
_reflns.pdbx_absDiff_over_sigma_anomalous              ? 
_reflns.pdbx_percent_possible_anomalous                ? 
_reflns.pdbx_observed_signal_threshold                 ? 
_reflns.pdbx_signal_type                               ? 
_reflns.pdbx_signal_details                            ? 
_reflns.pdbx_signal_software_id                        ? 
_reflns.pdbx_CC_split_method                           ? 
# 
_reflns_shell.d_res_high                                    1.15 
_reflns_shell.d_res_low                                     1.18 
_reflns_shell.meanI_over_sigI_all                           ? 
_reflns_shell.meanI_over_sigI_obs                           3.0 
_reflns_shell.number_measured_all                           ? 
_reflns_shell.number_measured_obs                           ? 
_reflns_shell.number_possible                               ? 
_reflns_shell.number_unique_all                             ? 
_reflns_shell.number_unique_obs                             558 
_reflns_shell.percent_possible_all                          97.4 
_reflns_shell.percent_possible_obs                          ? 
_reflns_shell.Rmerge_F_all                                  ? 
_reflns_shell.Rmerge_F_obs                                  ? 
_reflns_shell.Rmerge_I_all                                  ? 
_reflns_shell.Rmerge_I_obs                                  0.723 
_reflns_shell.meanI_over_sigI_gt                            ? 
_reflns_shell.meanI_over_uI_all                             ? 
_reflns_shell.meanI_over_uI_gt                              ? 
_reflns_shell.number_measured_gt                            ? 
_reflns_shell.number_unique_gt                              ? 
_reflns_shell.percent_possible_gt                           ? 
_reflns_shell.Rmerge_F_gt                                   ? 
_reflns_shell.Rmerge_I_gt                                   ? 
_reflns_shell.pdbx_redundancy                               10.6 
_reflns_shell.pdbx_Rsym_value                               ? 
_reflns_shell.pdbx_chi_squared                              0.78 
_reflns_shell.pdbx_netI_over_sigmaI_all                     ? 
_reflns_shell.pdbx_netI_over_sigmaI_obs                     ? 
_reflns_shell.pdbx_Rrim_I_all                               0.795 
_reflns_shell.pdbx_Rpim_I_all                               0.325 
_reflns_shell.pdbx_rejects                                  ? 
_reflns_shell.pdbx_ordinal                                  1 
_reflns_shell.pdbx_diffrn_id                                1 
_reflns_shell.pdbx_CC_half                                  ? 
_reflns_shell.pdbx_CC_star                                  ? 
_reflns_shell.pdbx_R_split                                  ? 
_reflns_shell.pdbx_percent_possible_ellipsoidal             ? 
_reflns_shell.pdbx_percent_possible_spherical               ? 
_reflns_shell.pdbx_percent_possible_ellipsoidal_anomalous   ? 
_reflns_shell.pdbx_percent_possible_spherical_anomalous     ? 
_reflns_shell.pdbx_redundancy_anomalous                     ? 
_reflns_shell.pdbx_CC_half_anomalous                        ? 
_reflns_shell.pdbx_absDiff_over_sigma_anomalous             ? 
_reflns_shell.pdbx_percent_possible_anomalous               ? 
# 
_refine.aniso_B[1][1]                            0.00 
_refine.aniso_B[1][2]                            -0.00 
_refine.aniso_B[1][3]                            -0.00 
_refine.aniso_B[2][2]                            0.00 
_refine.aniso_B[2][3]                            -0.00 
_refine.aniso_B[3][3]                            -0.01 
_refine.B_iso_max                                ? 
_refine.B_iso_mean                               18.957 
_refine.B_iso_min                                ? 
_refine.correlation_coeff_Fo_to_Fc               0.975 
_refine.correlation_coeff_Fo_to_Fc_free          0.982 
_refine.details                                  'HYDROGENS HAVE BEEN ADDED IN THE RIDING POSITIONS' 
_refine.diff_density_max                         ? 
_refine.diff_density_max_esd                     ? 
_refine.diff_density_min                         ? 
_refine.diff_density_min_esd                     ? 
_refine.diff_density_rms                         ? 
_refine.diff_density_rms_esd                     ? 
_refine.entry_id                                 8F5C 
_refine.pdbx_refine_id                           'X-RAY DIFFRACTION' 
_refine.ls_abs_structure_details                 ? 
_refine.ls_abs_structure_Flack                   ? 
_refine.ls_abs_structure_Flack_esd               ? 
_refine.ls_abs_structure_Rogers                  ? 
_refine.ls_abs_structure_Rogers_esd              ? 
_refine.ls_d_res_high                            1.15 
_refine.ls_d_res_low                             20.71 
_refine.ls_extinction_coef                       ? 
_refine.ls_extinction_coef_esd                   ? 
_refine.ls_extinction_expression                 ? 
_refine.ls_extinction_method                     ? 
_refine.ls_goodness_of_fit_all                   ? 
_refine.ls_goodness_of_fit_all_esd               ? 
_refine.ls_goodness_of_fit_obs                   ? 
_refine.ls_goodness_of_fit_obs_esd               ? 
_refine.ls_hydrogen_treatment                    ? 
_refine.ls_matrix_type                           ? 
_refine.ls_number_constraints                    ? 
_refine.ls_number_parameters                     ? 
_refine.ls_number_reflns_all                     ? 
_refine.ls_number_reflns_obs                     7547 
_refine.ls_number_reflns_R_free                  367 
_refine.ls_number_reflns_R_work                  ? 
_refine.ls_number_restraints                     ? 
_refine.ls_percent_reflns_obs                    99.71 
_refine.ls_percent_reflns_R_free                 4.6 
_refine.ls_R_factor_all                          ? 
_refine.ls_R_factor_obs                          0.19318 
_refine.ls_R_factor_R_free                       0.20362 
_refine.ls_R_factor_R_free_error                 ? 
_refine.ls_R_factor_R_free_error_details         ? 
_refine.ls_R_factor_R_work                       0.19266 
_refine.ls_R_Fsqd_factor_obs                     ? 
_refine.ls_R_I_factor_obs                        ? 
_refine.ls_redundancy_reflns_all                 ? 
_refine.ls_redundancy_reflns_obs                 ? 
_refine.ls_restrained_S_all                      ? 
_refine.ls_restrained_S_obs                      ? 
_refine.ls_shift_over_esd_max                    ? 
_refine.ls_shift_over_esd_mean                   ? 
_refine.ls_structure_factor_coef                 ? 
_refine.ls_weighting_details                     ? 
_refine.ls_weighting_scheme                      ? 
_refine.ls_wR_factor_all                         ? 
_refine.ls_wR_factor_obs                         ? 
_refine.ls_wR_factor_R_free                      ? 
_refine.ls_wR_factor_R_work                      ? 
_refine.occupancy_max                            ? 
_refine.occupancy_min                            ? 
_refine.solvent_model_details                    MASK 
_refine.solvent_model_param_bsol                 ? 
_refine.solvent_model_param_ksol                 ? 
_refine.pdbx_R_complete                          ? 
_refine.ls_R_factor_gt                           ? 
_refine.ls_goodness_of_fit_gt                    ? 
_refine.ls_goodness_of_fit_ref                   ? 
_refine.ls_shift_over_su_max                     ? 
_refine.ls_shift_over_su_max_lt                  ? 
_refine.ls_shift_over_su_mean                    ? 
_refine.ls_shift_over_su_mean_lt                 ? 
_refine.pdbx_ls_sigma_I                          ? 
_refine.pdbx_ls_sigma_F                          ? 
_refine.pdbx_ls_sigma_Fsqd                       ? 
_refine.pdbx_data_cutoff_high_absF               ? 
_refine.pdbx_data_cutoff_high_rms_absF           ? 
_refine.pdbx_data_cutoff_low_absF                ? 
_refine.pdbx_isotropic_thermal_model             ? 
_refine.pdbx_ls_cross_valid_method               THROUGHOUT 
_refine.pdbx_method_to_determine_struct          'MOLECULAR REPLACEMENT' 
_refine.pdbx_starting_model                      7MOO 
_refine.pdbx_stereochemistry_target_values       'MAXIMUM LIKELIHOOD' 
_refine.pdbx_R_Free_selection_details            RANDOM 
_refine.pdbx_stereochem_target_val_spec_case     ? 
_refine.pdbx_overall_ESU_R                       0.041 
_refine.pdbx_overall_ESU_R_Free                  0.041 
_refine.pdbx_solvent_vdw_probe_radii             1.20 
_refine.pdbx_solvent_ion_probe_radii             0.80 
_refine.pdbx_solvent_shrinkage_radii             0.80 
_refine.pdbx_real_space_R                        ? 
_refine.pdbx_density_correlation                 ? 
_refine.pdbx_pd_number_of_powder_patterns        ? 
_refine.pdbx_pd_number_of_points                 ? 
_refine.pdbx_pd_meas_number_of_points            ? 
_refine.pdbx_pd_proc_ls_prof_R_factor            ? 
_refine.pdbx_pd_proc_ls_prof_wR_factor           ? 
_refine.pdbx_pd_Marquardt_correlation_coeff      ? 
_refine.pdbx_pd_Fsqrd_R_factor                   ? 
_refine.pdbx_pd_ls_matrix_band_width             ? 
_refine.pdbx_overall_phase_error                 ? 
_refine.pdbx_overall_SU_R_free_Cruickshank_DPI   ? 
_refine.pdbx_overall_SU_R_free_Blow_DPI          ? 
_refine.pdbx_overall_SU_R_Blow_DPI               ? 
_refine.pdbx_TLS_residual_ADP_flag               ? 
_refine.pdbx_diffrn_id                           1 
_refine.overall_SU_B                             0.860 
_refine.overall_SU_ML                            0.038 
_refine.overall_SU_R_Cruickshank_DPI             ? 
_refine.overall_SU_R_free                        ? 
_refine.overall_FOM_free_R_set                   ? 
_refine.overall_FOM_work_R_set                   ? 
_refine.pdbx_average_fsc_overall                 ? 
_refine.pdbx_average_fsc_work                    ? 
_refine.pdbx_average_fsc_free                    ? 
# 
_refine_hist.pdbx_refine_id                   'X-RAY DIFFRACTION' 
_refine_hist.cycle_id                         1 
_refine_hist.details                          ? 
_refine_hist.d_res_high                       1.15 
_refine_hist.d_res_low                        20.71 
_refine_hist.number_atoms_solvent             53 
_refine_hist.number_atoms_total               218 
_refine_hist.number_reflns_all                ? 
_refine_hist.number_reflns_obs                ? 
_refine_hist.number_reflns_R_free             ? 
_refine_hist.number_reflns_R_work             ? 
_refine_hist.R_factor_all                     ? 
_refine_hist.R_factor_obs                     ? 
_refine_hist.R_factor_R_free                  ? 
_refine_hist.R_factor_R_work                  ? 
_refine_hist.pdbx_number_residues_total       ? 
_refine_hist.pdbx_B_iso_mean_ligand           ? 
_refine_hist.pdbx_B_iso_mean_solvent          ? 
_refine_hist.pdbx_number_atoms_protein        0 
_refine_hist.pdbx_number_atoms_nucleic_acid   163 
_refine_hist.pdbx_number_atoms_ligand         2 
_refine_hist.pdbx_number_atoms_lipid          ? 
_refine_hist.pdbx_number_atoms_carb           ? 
_refine_hist.pdbx_pseudo_atom_details         ? 
# 
loop_
_refine_ls_restr.pdbx_refine_id 
_refine_ls_restr.criterion 
_refine_ls_restr.dev_ideal 
_refine_ls_restr.dev_ideal_target 
_refine_ls_restr.number 
_refine_ls_restr.rejects 
_refine_ls_restr.type 
_refine_ls_restr.weight 
_refine_ls_restr.pdbx_restraint_function 
'X-RAY DIFFRACTION' ? 0.037 0.026  175 ? r_bond_refined_d             ? ? 
'X-RAY DIFFRACTION' ? 0.099 0.031  94  ? r_bond_other_d               ? ? 
'X-RAY DIFFRACTION' ? 3.357 3.102  251 ? r_angle_refined_deg          ? ? 
'X-RAY DIFFRACTION' ? 4.300 3.514  230 ? r_angle_other_deg            ? ? 
'X-RAY DIFFRACTION' ? ?     ?      ?   ? r_dihedral_angle_1_deg       ? ? 
'X-RAY DIFFRACTION' ? ?     ?      ?   ? r_dihedral_angle_2_deg       ? ? 
'X-RAY DIFFRACTION' ? ?     ?      ?   ? r_dihedral_angle_3_deg       ? ? 
'X-RAY DIFFRACTION' ? ?     ?      ?   ? r_dihedral_angle_4_deg       ? ? 
'X-RAY DIFFRACTION' ? 0.197 0.200  31  ? r_chiral_restr               ? ? 
'X-RAY DIFFRACTION' ? 0.030 0.021  94  ? r_gen_planes_refined         ? ? 
'X-RAY DIFFRACTION' ? 0.002 0.023  29  ? r_gen_planes_other           ? ? 
'X-RAY DIFFRACTION' ? ?     ?      ?   ? r_nbd_refined                ? ? 
'X-RAY DIFFRACTION' ? ?     ?      ?   ? r_nbd_other                  ? ? 
'X-RAY DIFFRACTION' ? ?     ?      ?   ? r_nbtor_refined              ? ? 
'X-RAY DIFFRACTION' ? ?     ?      ?   ? r_nbtor_other                ? ? 
'X-RAY DIFFRACTION' ? ?     ?      ?   ? r_xyhbond_nbd_refined        ? ? 
'X-RAY DIFFRACTION' ? ?     ?      ?   ? r_xyhbond_nbd_other          ? ? 
'X-RAY DIFFRACTION' ? ?     ?      ?   ? r_metal_ion_refined          ? ? 
'X-RAY DIFFRACTION' ? ?     ?      ?   ? r_metal_ion_other            ? ? 
'X-RAY DIFFRACTION' ? ?     ?      ?   ? r_symmetry_vdw_refined       ? ? 
'X-RAY DIFFRACTION' ? ?     ?      ?   ? r_symmetry_vdw_other         ? ? 
'X-RAY DIFFRACTION' ? ?     ?      ?   ? r_symmetry_hbond_refined     ? ? 
'X-RAY DIFFRACTION' ? ?     ?      ?   ? r_symmetry_hbond_other       ? ? 
'X-RAY DIFFRACTION' ? ?     ?      ?   ? r_symmetry_metal_ion_refined ? ? 
'X-RAY DIFFRACTION' ? ?     ?      ?   ? r_symmetry_metal_ion_other   ? ? 
'X-RAY DIFFRACTION' ? ?     ?      ?   ? r_mcbond_it                  ? ? 
'X-RAY DIFFRACTION' ? ?     ?      ?   ? r_mcbond_other               ? ? 
'X-RAY DIFFRACTION' ? ?     ?      ?   ? r_mcangle_it                 ? ? 
'X-RAY DIFFRACTION' ? ?     ?      ?   ? r_mcangle_other              ? ? 
'X-RAY DIFFRACTION' ? 1.675 1.726  175 ? r_scbond_it                  ? ? 
'X-RAY DIFFRACTION' ? 1.671 1.727  176 ? r_scbond_other               ? ? 
'X-RAY DIFFRACTION' ? ?     ?      ?   ? r_scangle_it                 ? ? 
'X-RAY DIFFRACTION' ? 2.454 2.580  252 ? r_scangle_other              ? ? 
'X-RAY DIFFRACTION' ? 3.831 18.752 307 ? r_long_range_B_refined       ? ? 
'X-RAY DIFFRACTION' ? 3.634 18.201 301 ? r_long_range_B_other         ? ? 
'X-RAY DIFFRACTION' ? ?     ?      ?   ? r_rigid_bond_restr           ? ? 
'X-RAY DIFFRACTION' ? ?     ?      ?   ? r_sphericity_free            ? ? 
'X-RAY DIFFRACTION' ? ?     ?      ?   ? r_sphericity_bonded          ? ? 
# 
_refine_ls_shell.pdbx_refine_id                   'X-RAY DIFFRACTION' 
_refine_ls_shell.d_res_high                       1.151 
_refine_ls_shell.d_res_low                        1.181 
_refine_ls_shell.number_reflns_all                ? 
_refine_ls_shell.number_reflns_obs                ? 
_refine_ls_shell.number_reflns_R_free             23 
_refine_ls_shell.number_reflns_R_work             531 
_refine_ls_shell.percent_reflns_obs               96.68 
_refine_ls_shell.percent_reflns_R_free            ? 
_refine_ls_shell.R_factor_all                     ? 
_refine_ls_shell.R_factor_obs                     ? 
_refine_ls_shell.R_factor_R_free                  0.398 
_refine_ls_shell.R_factor_R_free_error            ? 
_refine_ls_shell.R_factor_R_work                  0.360 
_refine_ls_shell.redundancy_reflns_all            ? 
_refine_ls_shell.redundancy_reflns_obs            ? 
_refine_ls_shell.wR_factor_all                    ? 
_refine_ls_shell.wR_factor_obs                    ? 
_refine_ls_shell.wR_factor_R_free                 ? 
_refine_ls_shell.wR_factor_R_work                 ? 
_refine_ls_shell.pdbx_R_complete                  ? 
_refine_ls_shell.pdbx_total_number_of_bins_used   20 
_refine_ls_shell.pdbx_phase_error                 ? 
_refine_ls_shell.pdbx_fsc_work                    ? 
_refine_ls_shell.pdbx_fsc_free                    ? 
# 
_struct.entry_id                     8F5C 
_struct.title                        
;Mirror-image DNA containing 2'-OMe-L-dC modification
;
_struct.pdbx_model_details           ? 
_struct.pdbx_formula_weight          ? 
_struct.pdbx_formula_weight_method   ? 
_struct.pdbx_model_type_details      ? 
_struct.pdbx_CASP_flag               N 
# 
_struct_keywords.entry_id        8F5C 
_struct_keywords.text            
;Mirror-image DNA, 2'-OMe modification, DNA
;
_struct_keywords.pdbx_keywords   DNA 
# 
loop_
_struct_asym.id 
_struct_asym.pdbx_blank_PDB_chainid_flag 
_struct_asym.pdbx_modified 
_struct_asym.entity_id 
_struct_asym.details 
A N N 1 ? 
B N N 2 ? 
C N N 2 ? 
D N N 3 ? 
# 
loop_
_struct_conn.id 
_struct_conn.conn_type_id 
_struct_conn.pdbx_leaving_atom_flag 
_struct_conn.pdbx_PDB_id 
_struct_conn.ptnr1_label_asym_id 
_struct_conn.ptnr1_label_comp_id 
_struct_conn.ptnr1_label_seq_id 
_struct_conn.ptnr1_label_atom_id 
_struct_conn.pdbx_ptnr1_label_alt_id 
_struct_conn.pdbx_ptnr1_PDB_ins_code 
_struct_conn.pdbx_ptnr1_standard_comp_id 
_struct_conn.ptnr1_symmetry 
_struct_conn.ptnr2_label_asym_id 
_struct_conn.ptnr2_label_comp_id 
_struct_conn.ptnr2_label_seq_id 
_struct_conn.ptnr2_label_atom_id 
_struct_conn.pdbx_ptnr2_label_alt_id 
_struct_conn.pdbx_ptnr2_PDB_ins_code 
_struct_conn.ptnr1_auth_asym_id 
_struct_conn.ptnr1_auth_comp_id 
_struct_conn.ptnr1_auth_seq_id 
_struct_conn.ptnr2_auth_asym_id 
_struct_conn.ptnr2_auth_comp_id 
_struct_conn.ptnr2_auth_seq_id 
_struct_conn.ptnr2_symmetry 
_struct_conn.pdbx_ptnr3_label_atom_id 
_struct_conn.pdbx_ptnr3_label_seq_id 
_struct_conn.pdbx_ptnr3_label_comp_id 
_struct_conn.pdbx_ptnr3_label_asym_id 
_struct_conn.pdbx_ptnr3_label_alt_id 
_struct_conn.pdbx_ptnr3_PDB_ins_code 
_struct_conn.details 
_struct_conn.pdbx_dist_value 
_struct_conn.pdbx_value_order 
_struct_conn.pdbx_role 
covale1  covale both ? A 0DG 1 "O3'" ? ? ? 1_555 A XE6 2 P  ? ? A 0DG 1   A XE6 2   1_555 ? ? ? ? ? ? ?            1.673 ? ? 
covale2  covale one  ? A XE6 2 "O3'" ? ? ? 1_555 A 0DG 3 P  ? ? A XE6 2   A 0DG 3   1_555 ? ? ? ? ? ? ?            1.697 ? ? 
covale3  covale both ? A 0DG 3 "O3'" ? ? ? 1_555 A 0DT 4 P  ? ? A 0DG 3   A 0DT 4   1_555 ? ? ? ? ? ? ?            1.685 ? ? 
covale4  covale both ? A 0DT 4 "O3'" ? ? ? 1_555 A 0DA 5 P  ? ? A 0DT 4   A 0DA 5   1_555 ? ? ? ? ? ? ?            1.660 ? ? 
covale5  covale both ? A 0DA 5 "O3'" ? ? ? 1_555 A 0DC 6 P  ? ? A 0DA 5   A 0DC 6   1_555 ? ? ? ? ? ? ?            1.691 ? ? 
covale6  covale both ? A 0DC 6 "O3'" ? ? ? 1_555 A 0DG 7 P  ? ? A 0DC 6   A 0DG 7   1_555 ? ? ? ? ? ? ?            1.734 ? ? 
covale7  covale both ? A 0DG 7 "O3'" ? ? ? 1_555 A 0DC 8 P  ? ? A 0DG 7   A 0DC 8   1_555 ? ? ? ? ? ? ?            1.658 ? ? 
metalc1  metalc ?    ? A 0DG 3 OP2   ? ? ? 1_555 C MG  . MG ? ? A 0DG 3   A MG  102 1_555 ? ? ? ? ? ? ?            2.183 ? ? 
metalc2  metalc ?    ? B MG  . MG    ? ? ? 1_555 D HOH . O  ? ? A MG  101 A HOH 211 7_545 ? ? ? ? ? ? ?            2.149 ? ? 
metalc3  metalc ?    ? B MG  . MG    ? ? ? 1_555 D HOH . O  ? ? A MG  101 A HOH 219 6_444 ? ? ? ? ? ? ?            1.971 ? ? 
metalc4  metalc ?    ? B MG  . MG    ? ? ? 1_555 D HOH . O  ? ? A MG  101 A HOH 223 6_444 ? ? ? ? ? ? ?            2.135 ? ? 
metalc5  metalc ?    ? B MG  . MG    ? ? ? 1_555 D HOH . O  ? ? A MG  101 A HOH 236 7_545 ? ? ? ? ? ? ?            2.187 ? ? 
metalc6  metalc ?    ? B MG  . MG    ? ? ? 1_555 D HOH . O  ? ? A MG  101 A HOH 249 7_545 ? ? ? ? ? ? ?            2.265 ? ? 
metalc7  metalc ?    ? B MG  . MG    ? ? ? 1_555 D HOH . O  ? ? A MG  101 A HOH 250 6_444 ? ? ? ? ? ? ?            2.162 ? ? 
metalc8  metalc ?    ? C MG  . MG    ? ? ? 1_555 D HOH . O  ? ? A MG  102 A HOH 231 1_555 ? ? ? ? ? ? ?            2.188 ? ? 
metalc9  metalc ?    ? C MG  . MG    ? ? ? 1_555 D HOH . O  ? ? A MG  102 A HOH 232 6_444 ? ? ? ? ? ? ?            2.114 ? ? 
metalc10 metalc ?    ? C MG  . MG    ? ? ? 1_555 D HOH . O  ? ? A MG  102 A HOH 237 1_555 ? ? ? ? ? ? ?            2.218 ? ? 
metalc11 metalc ?    ? C MG  . MG    ? ? ? 1_555 D HOH . O  ? ? A MG  102 A HOH 239 1_555 ? ? ? ? ? ? ?            2.128 ? ? 
metalc12 metalc ?    ? C MG  . MG    ? ? ? 1_555 D HOH . O  ? ? A MG  102 A HOH 242 6_444 ? ? ? ? ? ? ?            2.133 ? ? 
hydrog1  hydrog ?    ? A 0DG 1 N1    ? ? ? 1_555 A 0DC 8 N3 ? ? A 0DG 1   A 0DC 8   8_555 ? ? ? ? ? ? WATSON-CRICK ?     ? ? 
hydrog2  hydrog ?    ? A 0DG 1 N2    ? ? ? 1_555 A 0DC 8 O2 ? ? A 0DG 1   A 0DC 8   8_555 ? ? ? ? ? ? WATSON-CRICK ?     ? ? 
hydrog3  hydrog ?    ? A 0DG 1 O6    ? ? ? 1_555 A 0DC 8 N4 ? ? A 0DG 1   A 0DC 8   8_555 ? ? ? ? ? ? WATSON-CRICK ?     ? ? 
hydrog4  hydrog ?    ? A 0DG 3 N1    ? ? ? 1_555 A 0DC 6 N3 ? ? A 0DG 3   A 0DC 6   8_555 ? ? ? ? ? ? WATSON-CRICK ?     ? ? 
hydrog5  hydrog ?    ? A 0DG 3 N2    ? ? ? 1_555 A 0DC 6 O2 ? ? A 0DG 3   A 0DC 6   8_555 ? ? ? ? ? ? WATSON-CRICK ?     ? ? 
hydrog6  hydrog ?    ? A 0DG 3 O6    ? ? ? 1_555 A 0DC 6 N4 ? ? A 0DG 3   A 0DC 6   8_555 ? ? ? ? ? ? WATSON-CRICK ?     ? ? 
hydrog7  hydrog ?    ? A 0DC 6 N3    ? ? ? 1_555 A 0DG 3 N1 ? ? A 0DC 6   A 0DG 3   8_555 ? ? ? ? ? ? WATSON-CRICK ?     ? ? 
hydrog8  hydrog ?    ? A 0DC 6 N4    ? ? ? 1_555 A 0DG 3 O6 ? ? A 0DC 6   A 0DG 3   8_555 ? ? ? ? ? ? WATSON-CRICK ?     ? ? 
hydrog9  hydrog ?    ? A 0DC 6 O2    ? ? ? 1_555 A 0DG 3 N2 ? ? A 0DC 6   A 0DG 3   8_555 ? ? ? ? ? ? WATSON-CRICK ?     ? ? 
hydrog10 hydrog ?    ? A 0DC 8 N3    ? ? ? 1_555 A 0DG 1 N1 ? ? A 0DC 8   A 0DG 1   8_555 ? ? ? ? ? ? WATSON-CRICK ?     ? ? 
hydrog11 hydrog ?    ? A 0DC 8 N4    ? ? ? 1_555 A 0DG 1 O6 ? ? A 0DC 8   A 0DG 1   8_555 ? ? ? ? ? ? WATSON-CRICK ?     ? ? 
hydrog12 hydrog ?    ? A 0DC 8 O2    ? ? ? 1_555 A 0DG 1 N2 ? ? A 0DC 8   A 0DG 1   8_555 ? ? ? ? ? ? WATSON-CRICK ?     ? ? 
# 
loop_
_struct_conn_type.id 
_struct_conn_type.criteria 
_struct_conn_type.reference 
covale ? ? 
metalc ? ? 
hydrog ? ? 
# 
_atom_sites.entry_id                    8F5C 
_atom_sites.Cartn_transf_matrix[1][1]   ? 
_atom_sites.Cartn_transf_matrix[1][2]   ? 
_atom_sites.Cartn_transf_matrix[1][3]   ? 
_atom_sites.Cartn_transf_matrix[2][1]   ? 
_atom_sites.Cartn_transf_matrix[2][2]   ? 
_atom_sites.Cartn_transf_matrix[2][3]   ? 
_atom_sites.Cartn_transf_matrix[3][1]   ? 
_atom_sites.Cartn_transf_matrix[3][2]   ? 
_atom_sites.Cartn_transf_matrix[3][3]   ? 
_atom_sites.Cartn_transf_vector[1]      ? 
_atom_sites.Cartn_transf_vector[2]      ? 
_atom_sites.Cartn_transf_vector[3]      ? 
_atom_sites.fract_transf_matrix[1][1]   -0.00034029 
_atom_sites.fract_transf_matrix[1][2]   0.00681147 
_atom_sites.fract_transf_matrix[1][3]   0.02287081 
_atom_sites.fract_transf_matrix[2][1]   -0.01581585 
_atom_sites.fract_transf_matrix[2][2]   0.01706373 
_atom_sites.fract_transf_matrix[2][3]   -0.00531731 
_atom_sites.fract_transf_matrix[3][1]   -0.03143422 
_atom_sites.fract_transf_matrix[3][2]   -0.02679446 
_atom_sites.fract_transf_matrix[3][3]   0.00751233 
_atom_sites.fract_transf_vector[1]      0.232214 
_atom_sites.fract_transf_vector[2]      -0.236090 
_atom_sites.fract_transf_vector[3]      0.131566 
_atom_sites.solution_primary            ? 
_atom_sites.solution_secondary          ? 
_atom_sites.solution_hydrogens          ? 
_atom_sites.special_details             ? 
# 
loop_
_atom_type.symbol 
C  
MG 
N  
O  
P  
# 
loop_
_atom_site.group_PDB 
_atom_site.id 
_atom_site.type_symbol 
_atom_site.label_atom_id 
_atom_site.label_alt_id 
_atom_site.label_comp_id 
_atom_site.label_asym_id 
_atom_site.label_entity_id 
_atom_site.label_seq_id 
_atom_site.pdbx_PDB_ins_code 
_atom_site.Cartn_x 
_atom_site.Cartn_y 
_atom_site.Cartn_z 
_atom_site.occupancy 
_atom_site.B_iso_or_equiv 
_atom_site.pdbx_formal_charge 
_atom_site.auth_seq_id 
_atom_site.auth_comp_id 
_atom_site.auth_asym_id 
_atom_site.auth_atom_id 
_atom_site.pdbx_PDB_model_num 
HETATM 1   O  "O5'" . 0DG A 1 1 ? -8.014  -6.387  -9.843  1.00 19.16 ? 1   0DG A "O5'" 1 
HETATM 2   C  "C5'" . 0DG A 1 1 ? -7.959  -6.479  -11.299 1.00 18.96 ? 1   0DG A "C5'" 1 
HETATM 3   C  "C4'" . 0DG A 1 1 ? -6.555  -6.976  -11.679 1.00 17.58 ? 1   0DG A "C4'" 1 
HETATM 4   O  "O4'" . 0DG A 1 1 ? -6.437  -8.343  -11.212 1.00 15.67 ? 1   0DG A "O4'" 1 
HETATM 5   C  "C3'" . 0DG A 1 1 ? -5.367  -6.354  -11.102 1.00 16.22 ? 1   0DG A "C3'" 1 
HETATM 6   O  "O3'" . 0DG A 1 1 ? -5.005  -5.202  -11.928 1.00 17.57 ? 1   0DG A "O3'" 1 
HETATM 7   C  "C2'" . 0DG A 1 1 ? -4.296  -7.454  -11.212 1.00 15.17 ? 1   0DG A "C2'" 1 
HETATM 8   C  "C1'" . 0DG A 1 1 ? -5.087  -8.615  -10.834 1.00 15.42 ? 1   0DG A "C1'" 1 
HETATM 9   N  N9    . 0DG A 1 1 ? -5.097  -8.870  -9.351  1.00 15.51 ? 1   0DG A N9    1 
HETATM 10  C  C8    . 0DG A 1 1 ? -6.051  -8.490  -8.485  1.00 15.11 ? 1   0DG A C8    1 
HETATM 11  N  N7    . 0DG A 1 1 ? -5.741  -8.858  -7.246  1.00 15.97 ? 1   0DG A N7    1 
HETATM 12  C  C5    . 0DG A 1 1 ? -4.536  -9.447  -7.354  1.00 14.33 ? 1   0DG A C5    1 
HETATM 13  C  C6    . 0DG A 1 1 ? -3.709  -10.000 -6.392  1.00 15.05 ? 1   0DG A C6    1 
HETATM 14  O  O6    . 0DG A 1 1 ? -3.959  -10.111 -5.161  1.00 15.23 ? 1   0DG A O6    1 
HETATM 15  N  N1    . 0DG A 1 1 ? -2.541  -10.525 -6.878  1.00 14.90 ? 1   0DG A N1    1 
HETATM 16  C  C2    . 0DG A 1 1 ? -2.182  -10.430 -8.200  1.00 15.16 ? 1   0DG A C2    1 
HETATM 17  N  N2    . 0DG A 1 1 ? -1.034  -10.962 -8.500  1.00 17.57 ? 1   0DG A N2    1 
HETATM 18  N  N3    . 0DG A 1 1 ? -2.978  -9.941  -9.159  1.00 15.08 ? 1   0DG A N3    1 
HETATM 19  C  C4    . 0DG A 1 1 ? -4.106  -9.449  -8.655  1.00 14.54 ? 1   0DG A C4    1 
HETATM 20  O  O2    . XE6 A 1 2 ? 0.590   -7.876  -7.153  1.00 15.61 ? 2   XE6 A O2    1 
HETATM 21  C  C2    . XE6 A 1 2 ? -0.542  -7.401  -7.110  1.00 15.90 ? 2   XE6 A C2    1 
HETATM 22  N  N3    . XE6 A 1 2 ? -1.319  -7.462  -5.974  1.00 15.14 ? 2   XE6 A N3    1 
HETATM 23  C  C4    . XE6 A 1 2 ? -2.546  -6.936  -5.900  1.00 14.96 ? 2   XE6 A C4    1 
HETATM 24  N  N4    . XE6 A 1 2 ? -3.178  -7.022  -4.772  1.00 15.17 ? 2   XE6 A N4    1 
HETATM 25  C  C5    . XE6 A 1 2 ? -3.079  -6.295  -7.010  1.00 15.29 ? 2   XE6 A C5    1 
HETATM 26  C  C6    . XE6 A 1 2 ? -2.349  -6.280  -8.175  1.00 15.78 ? 2   XE6 A C6    1 
HETATM 27  N  N1    . XE6 A 1 2 ? -1.076  -6.800  -8.209  1.00 15.14 ? 2   XE6 A N1    1 
HETATM 28  C  "C1'" . XE6 A 1 2 ? -0.207  -6.757  -9.404  1.00 15.92 ? 2   XE6 A "C1'" 1 
HETATM 29  O  "O4'" . XE6 A 1 2 ? -1.051  -6.537  -10.581 1.00 17.66 ? 2   XE6 A "O4'" 1 
HETATM 30  C  "C4'" . XE6 A 1 2 ? -0.683  -5.275  -11.173 1.00 17.31 ? 2   XE6 A "C4'" 1 
HETATM 31  C  "C5'" . XE6 A 1 2 ? -1.871  -4.582  -11.786 1.00 17.33 ? 2   XE6 A "C5'" 1 
HETATM 32  O  "O5'" . XE6 A 1 2 ? -2.827  -4.306  -10.802 1.00 18.67 ? 2   XE6 A "O5'" 1 
HETATM 33  P  P     . XE6 A 1 2 ? -4.304  -3.852  -11.232 1.00 18.96 ? 2   XE6 A P     1 
HETATM 34  O  OP1   . XE6 A 1 2 ? -4.961  -3.464  -9.997  1.00 20.23 ? 2   XE6 A OP1   1 
HETATM 35  O  OP2   . XE6 A 1 2 ? -4.265  -2.843  -12.382 1.00 19.23 ? 2   XE6 A OP2   1 
HETATM 36  C  "C3'" . XE6 A 1 2 ? -0.069  -4.580  -9.978  1.00 18.98 ? 2   XE6 A "C3'" 1 
HETATM 37  O  "O3'" . XE6 A 1 2 ? 0.768   -3.467  -10.467 1.00 20.06 ? 2   XE6 A "O3'" 1 
HETATM 38  C  "C2'" . XE6 A 1 2 ? 0.777   -5.617  -9.319  1.00 17.43 ? 2   XE6 A "C2'" 1 
HETATM 39  O  "O2'" . XE6 A 1 2 ? 1.913   -5.853  -10.189 1.00 19.25 ? 2   XE6 A "O2'" 1 
HETATM 40  C  C22   . XE6 A 1 2 ? 2.892   -6.782  -9.713  1.00 20.45 ? 2   XE6 A C22   1 
HETATM 41  P  P     . 0DG A 1 3 ? 0.801   -2.082  -9.487  1.00 21.95 ? 3   0DG A P     1 
HETATM 42  O  OP1   . 0DG A 1 3 ? -0.415  -1.771  -8.963  1.00 22.18 ? 3   0DG A OP1   1 
HETATM 43  O  OP2   . 0DG A 1 3 ? 1.542   -1.143  -10.402 1.00 24.71 ? 3   0DG A OP2   1 
HETATM 44  O  "O5'" . 0DG A 1 3 ? 1.765   -2.502  -8.288  1.00 19.99 ? 3   0DG A "O5'" 1 
HETATM 45  C  "C5'" . 0DG A 1 3 ? 3.094   -2.851  -8.544  1.00 19.49 ? 3   0DG A "C5'" 1 
HETATM 46  C  "C4'" . 0DG A 1 3 ? 3.756   -3.507  -7.337  1.00 19.67 ? 3   0DG A "C4'" 1 
HETATM 47  O  "O4'" . 0DG A 1 3 ? 2.987   -4.665  -7.042  1.00 18.81 ? 3   0DG A "O4'" 1 
HETATM 48  C  "C3'" . 0DG A 1 3 ? 3.744   -2.680  -6.108  1.00 19.12 ? 3   0DG A "C3'" 1 
HETATM 49  O  "O3'" . 0DG A 1 3 ? 4.933   -1.831  -6.192  1.00 20.75 ? 3   0DG A "O3'" 1 
HETATM 50  C  "C2'" . 0DG A 1 3 ? 3.999   -3.777  -5.103  1.00 19.29 ? 3   0DG A "C2'" 1 
HETATM 51  C  "C1'" . 0DG A 1 3 ? 3.065   -4.842  -5.597  1.00 19.81 ? 3   0DG A "C1'" 1 
HETATM 52  N  N9    . 0DG A 1 3 ? 1.680   -4.808  -5.046  1.00 16.57 ? 3   0DG A N9    1 
HETATM 53  C  C8    . 0DG A 1 3 ? 0.564   -4.346  -5.579  1.00 16.06 ? 3   0DG A C8    1 
HETATM 54  N  N7    . 0DG A 1 3 ? -0.494  -4.485  -4.787  1.00 14.82 ? 3   0DG A N7    1 
HETATM 55  C  C5    . 0DG A 1 3 ? 0.061   -5.059  -3.660  1.00 15.43 ? 3   0DG A C5    1 
HETATM 56  C  C6    . 0DG A 1 3 ? -0.480  -5.477  -2.434  1.00 14.30 ? 3   0DG A C6    1 
HETATM 57  O  O6    . 0DG A 1 3 ? -1.690  -5.432  -2.107  1.00 15.08 ? 3   0DG A O6    1 
HETATM 58  N  N1    . 0DG A 1 3 ? 0.424   -6.000  -1.518  1.00 14.36 ? 3   0DG A N1    1 
HETATM 59  C  C2    . 0DG A 1 3 ? 1.734   -6.143  -1.739  1.00 14.10 ? 3   0DG A C2    1 
HETATM 60  N  N2    . 0DG A 1 3 ? 2.444   -6.639  -0.801  1.00 15.61 ? 3   0DG A N2    1 
HETATM 61  N  N3    . 0DG A 1 3 ? 2.244   -5.725  -2.887  1.00 16.54 ? 3   0DG A N3    1 
HETATM 62  C  C4    . 0DG A 1 3 ? 1.381   -5.231  -3.804  1.00 14.95 ? 3   0DG A C4    1 
HETATM 63  P  P     . 0DT A 1 4 ? 5.124   -0.519  -5.153  1.00 21.35 ? 4   0DT A P     1 
HETATM 64  O  OP1   . 0DT A 1 4 ? 3.901   0.126   -5.087  1.00 20.57 ? 4   0DT A OP1   1 
HETATM 65  O  OP2   . 0DT A 1 4 ? 6.398   0.142   -5.730  1.00 24.16 ? 4   0DT A OP2   1 
HETATM 66  O  "O5'" . 0DT A 1 4 ? 5.461   -1.231  -3.758  1.00 20.52 ? 4   0DT A "O5'" 1 
HETATM 67  C  "C5'" . 0DT A 1 4 ? 6.620   -1.982  -3.443  1.00 21.63 ? 4   0DT A "C5'" 1 
HETATM 68  C  "C4'" . 0DT A 1 4 ? 6.500   -2.484  -2.005  1.00 24.88 ? 4   0DT A "C4'" 1 
HETATM 69  O  "O4'" . 0DT A 1 4 ? 5.367   -3.343  -1.905  1.00 24.25 ? 4   0DT A "O4'" 1 
HETATM 70  C  "C3'" . 0DT A 1 4 ? 6.213   -1.412  -1.010  1.00 25.29 ? 4   0DT A "C3'" 1 
HETATM 71  O  "O3'" . 0DT A 1 4 ? 7.532   -0.950  -0.571  1.00 22.40 ? 4   0DT A "O3'" 1 
HETATM 72  C  "C2'" . 0DT A 1 4 ? 5.559   -2.197  0.084   1.00 23.55 ? 4   0DT A "C2'" 1 
HETATM 73  C  "C1'" . 0DT A 1 4 ? 4.758   -3.157  -0.592  1.00 24.13 ? 4   0DT A "C1'" 1 
HETATM 74  N  N1    . 0DT A 1 4 ? 3.320   -2.843  -0.702  1.00 20.15 ? 4   0DT A N1    1 
HETATM 75  C  C2    . 0DT A 1 4 ? 2.493   -3.289  0.242   1.00 15.10 ? 4   0DT A C2    1 
HETATM 76  O  O2    . 0DT A 1 4 ? 2.931   -3.783  1.322   1.00 17.64 ? 4   0DT A O2    1 
HETATM 77  N  N3    . 0DT A 1 4 ? 1.195   -3.120  0.059   1.00 14.95 ? 4   0DT A N3    1 
HETATM 78  C  C4    . 0DT A 1 4 ? 0.669   -2.518  -1.062  1.00 14.35 ? 4   0DT A C4    1 
HETATM 79  O  O4    . 0DT A 1 4 ? -0.529  -2.438  -1.125  1.00 16.19 ? 4   0DT A O4    1 
HETATM 80  C  C5    . 0DT A 1 4 ? 1.517   -2.027  -2.069  1.00 16.66 ? 4   0DT A C5    1 
HETATM 81  C  C5M   . 0DT A 1 4 ? 1.115   -1.419  -3.258  1.00 18.98 ? 4   0DT A C5M   1 
HETATM 82  C  C6    . 0DT A 1 4 ? 2.839   -2.229  -1.876  1.00 18.03 ? 4   0DT A C6    1 
HETATM 83  C  C8A   . 0DA A 1 5 ? 2.782   -0.257  1.976   1.00 15.06 ? 5   0DA A C8A   1 
HETATM 84  N  N9A   . 0DA A 1 5 ? 2.712   -0.847  3.191   1.00 15.24 ? 5   0DA A N9A   1 
HETATM 85  C  C4A   . 0DA A 1 5 ? 1.422   -0.995  3.499   1.00 14.08 ? 5   0DA A C4A   1 
HETATM 86  C  C5A   . 0DA A 1 5 ? 0.718   -0.512  2.387   1.00 13.94 ? 5   0DA A C5A   1 
HETATM 87  N  N7A   . 0DA A 1 5 ? 1.566   -0.073  1.453   1.00 14.80 ? 5   0DA A N7A   1 
HETATM 88  N  N3A   . 0DA A 1 5 ? 0.822   -1.482  4.605   1.00 13.79 ? 5   0DA A N3A   1 
HETATM 89  C  C2A   . 0DA A 1 5 ? -0.492  -1.500  4.593   1.00 13.94 ? 5   0DA A C2A   1 
HETATM 90  N  N1A   . 0DA A 1 5 ? -1.239  -1.065  3.510   1.00 13.61 ? 5   0DA A N1A   1 
HETATM 91  C  C6A   . 0DA A 1 5 ? -0.623  -0.593  2.455   1.00 13.61 ? 5   0DA A C6A   1 
HETATM 92  N  N6A   . 0DA A 1 5 ? -1.407  -0.237  1.448   1.00 15.20 ? 5   0DA A N6A   1 
HETATM 93  C  "C4'" . 0DA A 1 5 ? 5.961   -0.191  3.730   1.00 17.46 ? 5   0DA A "C4'" 1 
HETATM 94  O  "O4'" . 0DA A 1 5 ? 5.062   -1.181  3.141   1.00 17.46 ? 5   0DA A "O4'" 1 
HETATM 95  C  "C3'" . 0DA A 1 5 ? 5.088   0.523   4.721   1.00 17.44 ? 5   0DA A "C3'" 1 
HETATM 96  C  "C2'" . 0DA A 1 5 ? 4.248   -0.519  5.274   1.00 16.34 ? 5   0DA A "C2'" 1 
HETATM 97  C  "C1'" . 0DA A 1 5 ? 3.975   -1.312  3.988   1.00 15.63 ? 5   0DA A "C1'" 1 
HETATM 98  O  "O3'" . 0DA A 1 5 ? 5.980   1.035   5.744   1.00 18.26 ? 5   0DA A "O3'" 1 
HETATM 99  C  "C5'" . 0DA A 1 5 ? 6.489   0.700   2.648   1.00 20.05 ? 5   0DA A "C5'" 1 
HETATM 100 O  "O5'" . 0DA A 1 5 ? 7.174   -0.187  1.803   1.00 23.11 ? 5   0DA A "O5'" 1 
HETATM 101 P  P     . 0DA A 1 5 ? 7.672   0.397   0.388   1.00 25.74 ? 5   0DA A P     1 
HETATM 102 O  OP2   . 0DA A 1 5 ? 9.100   0.576   0.548   1.00 26.54 ? 5   0DA A OP2   1 
HETATM 103 O  OP1   . 0DA A 1 5 ? 6.765   1.481   -0.096  1.00 31.14 ? 5   0DA A OP1   1 
HETATM 104 P  P     . 0DC A 1 6 ? 5.585   2.495   6.500   1.00 18.11 ? 6   0DC A P     1 
HETATM 105 O  OP1   . 0DC A 1 6 ? 5.385   3.451   5.503   1.00 19.72 ? 6   0DC A OP1   1 
HETATM 106 O  OP2   . 0DC A 1 6 ? 6.653   2.669   7.486   1.00 19.95 ? 6   0DC A OP2   1 
HETATM 107 O  "O5'" . 0DC A 1 6 ? 4.202   2.315   7.196   1.00 17.51 ? 6   0DC A "O5'" 1 
HETATM 108 C  "C5'" . 0DC A 1 6 ? 4.098   1.514   8.381   1.00 17.81 ? 6   0DC A "C5'" 1 
HETATM 109 C  "C4'" . 0DC A 1 6 ? 2.632   1.278   8.671   1.00 17.12 ? 6   0DC A "C4'" 1 
HETATM 110 O  "O4'" . 0DC A 1 6 ? 2.004   0.593   7.585   1.00 15.82 ? 6   0DC A "O4'" 1 
HETATM 111 C  "C3'" . 0DC A 1 6 ? 1.836   2.518   8.736   1.00 15.70 ? 6   0DC A "C3'" 1 
HETATM 112 O  "O3'" . 0DC A 1 6 ? 2.093   3.164   10.027  1.00 20.41 ? 6   0DC A "O3'" 1 
HETATM 113 C  "C2'" . 0DC A 1 6 ? 0.428   2.027   8.624   1.00 17.09 ? 6   0DC A "C2'" 1 
HETATM 114 C  "C1'" . 0DC A 1 6 ? 0.661   1.029   7.527   1.00 15.39 ? 6   0DC A "C1'" 1 
HETATM 115 N  N1    . 0DC A 1 6 ? 0.389   1.617   6.163   1.00 14.49 ? 6   0DC A N1    1 
HETATM 116 C  C2    . 0DC A 1 6 ? -0.949  1.646   5.785   1.00 13.52 ? 6   0DC A C2    1 
HETATM 117 O  O2    . 0DC A 1 6 ? -1.827  1.334   6.573   1.00 14.89 ? 6   0DC A O2    1 
HETATM 118 N  N3    . 0DC A 1 6 ? -1.248  2.094   4.520   1.00 13.23 ? 6   0DC A N3    1 
HETATM 119 C  C4    . 0DC A 1 6 ? -0.263  2.532   3.685   1.00 13.93 ? 6   0DC A C4    1 
HETATM 120 N  N4    . 0DC A 1 6 ? -0.600  2.976   2.519   1.00 14.51 ? 6   0DC A N4    1 
HETATM 121 C  C5    . 0DC A 1 6 ? 1.074   2.508   4.129   1.00 14.47 ? 6   0DC A C5    1 
HETATM 122 C  C6    . 0DC A 1 6 ? 1.342   2.039   5.333   1.00 14.59 ? 6   0DC A C6    1 
HETATM 123 P  P     . 0DG A 1 7 ? 2.027   4.897   10.054  1.00 20.92 ? 7   0DG A P     1 
HETATM 124 O  OP1   . 0DG A 1 7 ? 2.596   5.545   8.857   1.00 21.59 ? 7   0DG A OP1   1 
HETATM 125 O  OP2   . 0DG A 1 7 ? 2.528   5.136   11.469  1.00 26.72 ? 7   0DG A OP2   1 
HETATM 126 O  "O5'" . 0DG A 1 7 ? 0.448   5.137   10.022  1.00 17.38 ? 7   0DG A "O5'" 1 
HETATM 127 C  "C5'" . 0DG A 1 7 ? -0.393  4.652   11.104  1.00 15.74 ? 7   0DG A "C5'" 1 
HETATM 128 C  "C4'" . 0DG A 1 7 ? -1.836  4.949   10.679  1.00 15.21 ? 7   0DG A "C4'" 1 
HETATM 129 O  "O4'" . 0DG A 1 7 ? -2.175  4.148   9.571   1.00 14.98 ? 7   0DG A "O4'" 1 
HETATM 130 C  "C3'" . 0DG A 1 7 ? -2.237  6.295   10.301  1.00 15.28 ? 7   0DG A "C3'" 1 
HETATM 131 O  "O3'" . 0DG A 1 7 ? -2.441  7.026   11.555  1.00 16.85 ? 7   0DG A "O3'" 1 
HETATM 132 C  "C2'" . 0DG A 1 7 ? -3.577  6.051   9.575   1.00 14.78 ? 7   0DG A "C2'" 1 
HETATM 133 C  "C1'" . 0DG A 1 7 ? -3.216  4.808   8.840   1.00 15.06 ? 7   0DG A "C1'" 1 
HETATM 134 N  N9    . 0DG A 1 7 ? -2.698  5.035   7.448   1.00 13.57 ? 7   0DG A N9    1 
HETATM 135 C  C8    . 0DG A 1 7 ? -1.456  5.091   7.015   1.00 13.48 ? 7   0DG A C8    1 
HETATM 136 N  N7    . 0DG A 1 7 ? -1.398  5.292   5.733   1.00 13.42 ? 7   0DG A N7    1 
HETATM 137 C  C5    . 0DG A 1 7 ? -2.715  5.309   5.295   1.00 13.49 ? 7   0DG A C5    1 
HETATM 138 C  C6    . 0DG A 1 7 ? -3.323  5.478   4.053   1.00 13.68 ? 7   0DG A C6    1 
HETATM 139 O  O6    . 0DG A 1 7 ? -2.715  5.589   2.944   1.00 14.22 ? 7   0DG A O6    1 
HETATM 140 N  N1    . 0DG A 1 7 ? -4.668  5.523   4.100   1.00 14.27 ? 7   0DG A N1    1 
HETATM 141 C  C2    . 0DG A 1 7 ? -5.423  5.371   5.201   1.00 14.23 ? 7   0DG A C2    1 
HETATM 142 N  N2    . 0DG A 1 7 ? -6.723  5.434   5.073   1.00 15.03 ? 7   0DG A N2    1 
HETATM 143 N  N3    . 0DG A 1 7 ? -4.882  5.192   6.400   1.00 14.07 ? 7   0DG A N3    1 
HETATM 144 C  C4    . 0DG A 1 7 ? -3.543  5.156   6.382   1.00 13.31 ? 7   0DG A C4    1 
HETATM 145 P  P     . 0DC A 1 8 ? -2.332  8.681   11.574  1.00 19.66 ? 8   0DC A P     1 
HETATM 146 O  OP1   . 0DC A 1 8 ? -1.106  9.051   10.852  1.00 22.75 ? 8   0DC A OP1   1 
HETATM 147 O  OP2   . 0DC A 1 8 ? -2.477  9.073   13.065  1.00 21.40 ? 8   0DC A OP2   1 
HETATM 148 O  "O5'" . 0DC A 1 8 ? -3.509  9.154   10.675  1.00 18.87 ? 8   0DC A "O5'" 1 
HETATM 149 C  "C5'" . 0DC A 1 8 ? -4.842  8.949   11.152  1.00 19.61 ? 8   0DC A "C5'" 1 
HETATM 150 C  "C4'" . 0DC A 1 8 ? -5.887  9.444   10.181  1.00 19.69 ? 8   0DC A "C4'" 1 
HETATM 151 O  "O4'" . 0DC A 1 8 ? -5.669  8.828   8.958   1.00 21.01 ? 8   0DC A "O4'" 1 
HETATM 152 C  "C3'" . 0DC A 1 8 ? -5.782  10.981  9.939   1.00 24.95 ? 8   0DC A "C3'" 1 
HETATM 153 O  "O3'" . 0DC A 1 8 ? -7.114  11.641  9.993   1.00 32.80 ? 8   0DC A "O3'" 1 
HETATM 154 C  "C2'" . 0DC A 1 8 ? -5.302  11.060  8.532   1.00 23.49 ? 8   0DC A "C2'" 1 
HETATM 155 C  "C1'" . 0DC A 1 8 ? -5.762  9.720   7.913   1.00 20.48 ? 8   0DC A "C1'" 1 
HETATM 156 N  N1    . 0DC A 1 8 ? -4.773  9.317   6.866   1.00 17.54 ? 8   0DC A N1    1 
HETATM 157 C  C2    . 0DC A 1 8 ? -5.224  9.215   5.556   1.00 17.14 ? 8   0DC A C2    1 
HETATM 158 O  O2    . 0DC A 1 8 ? -6.398  9.374   5.263   1.00 19.59 ? 8   0DC A O2    1 
HETATM 159 N  N3    . 0DC A 1 8 ? -4.312  8.947   4.621   1.00 15.64 ? 8   0DC A N3    1 
HETATM 160 C  C4    . 0DC A 1 8 ? -3.030  8.783   4.907   1.00 15.17 ? 8   0DC A C4    1 
HETATM 161 N  N4    . 0DC A 1 8 ? -2.184  8.557   3.948   1.00 14.16 ? 8   0DC A N4    1 
HETATM 162 C  C5    . 0DC A 1 8 ? -2.558  8.863   6.257   1.00 16.06 ? 8   0DC A C5    1 
HETATM 163 C  C6    . 0DC A 1 8 ? -3.461  9.131   7.220   1.00 16.84 ? 8   0DC A C6    1 
HETATM 164 MG MG    . MG  B 2 . ? 8.409   -3.178  -15.439 0.50 15.85 ? 101 MG  A MG    1 
HETATM 165 MG MG    . MG  C 2 . ? 2.931   0.418   -11.035 0.60 22.63 ? 102 MG  A MG    1 
HETATM 166 O  O     . HOH D 3 . ? -0.300  10.004  8.626   1.00 35.52 ? 201 HOH A O     1 
HETATM 167 O  O     . HOH D 3 . ? -2.244  -0.998  -2.369  1.00 28.78 ? 202 HOH A O     1 
HETATM 168 O  O     . HOH D 3 . ? 1.997   0.908   -6.632  1.00 33.73 ? 203 HOH A O     1 
HETATM 169 O  O     . HOH D 3 . ? -7.344  -3.941  -9.081  1.00 36.18 ? 204 HOH A O     1 
HETATM 170 O  O     . HOH D 3 . ? -4.004  -4.564  -2.958  1.00 28.64 ? 205 HOH A O     1 
HETATM 171 O  O     . HOH D 3 . ? -6.524  -1.977  -13.459 1.00 21.27 ? 206 HOH A O     1 
HETATM 172 O  O     . HOH D 3 . ? 7.523   0.689   9.017   1.00 27.13 ? 207 HOH A O     1 
HETATM 173 O  O     . HOH D 3 . ? -5.907  -9.421  -3.496  1.00 23.30 ? 208 HOH A O     1 
HETATM 174 O  O     . HOH D 3 . ? -2.369  -1.086  -13.001 1.00 32.09 ? 209 HOH A O     1 
HETATM 175 O  O     . HOH D 3 . ? 4.877   -6.060  -3.048  1.00 26.00 ? 210 HOH A O     1 
HETATM 176 O  O     . HOH D 3 . ? -4.374  8.205   14.746  1.00 19.80 ? 211 HOH A O     1 
HETATM 177 O  O     . HOH D 3 . ? -2.820  -3.256  -5.300  1.00 21.74 ? 212 HOH A O     1 
HETATM 178 O  O     . HOH D 3 . ? -0.373  -0.756  -6.452  1.00 31.27 ? 213 HOH A O     1 
HETATM 179 O  O     . HOH D 3 . ? 10.474  0.455   2.882   0.50 31.63 ? 214 HOH A O     1 
HETATM 180 O  O     . HOH D 3 . ? 3.220   5.204   6.240   1.00 22.33 ? 215 HOH A O     1 
HETATM 181 O  O     . HOH D 3 . ? 3.149   1.629   -2.958  1.00 28.10 ? 216 HOH A O     1 
HETATM 182 O  O     . HOH D 3 . ? 3.245   -4.483  -12.134 1.00 27.85 ? 217 HOH A O     1 
HETATM 183 O  O     . HOH D 3 . ? 1.258   1.441   -0.797  1.00 28.75 ? 218 HOH A O     1 
HETATM 184 O  O     . HOH D 3 . ? 1.056   5.797   4.617   1.00 19.43 ? 219 HOH A O     1 
HETATM 185 O  O     . HOH D 3 . ? -1.573  0.200   -10.520 0.50 25.45 ? 220 HOH A O     1 
HETATM 186 O  O     . HOH D 3 . ? -5.635  -0.813  -9.520  0.50 26.61 ? 221 HOH A O     1 
HETATM 187 O  O     . HOH D 3 . ? -10.631 -7.134  -9.289  1.00 26.32 ? 222 HOH A O     1 
HETATM 188 O  O     . HOH D 3 . ? -0.122  6.421   2.313   1.00 20.94 ? 223 HOH A O     1 
HETATM 189 O  O     . HOH D 3 . ? 8.232   1.492   -4.098  0.50 25.45 ? 224 HOH A O     1 
HETATM 190 O  O     . HOH D 3 . ? -8.867  8.090   4.915   1.00 24.26 ? 225 HOH A O     1 
HETATM 191 O  O     . HOH D 3 . ? -7.745  -8.031  -5.446  1.00 40.49 ? 226 HOH A O     1 
HETATM 192 O  O     . HOH D 3 . ? 2.136   -2.988  6.646   1.00 17.20 ? 227 HOH A O     1 
HETATM 193 O  O     . HOH D 3 . ? -2.992  -2.613  -8.063  1.00 24.55 ? 228 HOH A O     1 
HETATM 194 O  O     . HOH D 3 . ? 4.264   3.740   2.878   1.00 26.42 ? 229 HOH A O     1 
HETATM 195 O  O     . HOH D 3 . ? 5.139   3.926   11.630  0.50 26.63 ? 230 HOH A O     1 
HETATM 196 O  O     . HOH D 3 . ? 1.211   1.714   -10.644 0.60 33.21 ? 231 HOH A O     1 
HETATM 197 O  O     . HOH D 3 . ? 5.963   4.729   9.434   0.60 21.03 ? 232 HOH A O     1 
HETATM 198 O  O     . HOH D 3 . ? 1.259   4.023   0.521   1.00 28.53 ? 233 HOH A O     1 
HETATM 199 O  O     . HOH D 3 . ? -6.733  5.980   8.531   1.00 20.35 ? 234 HOH A O     1 
HETATM 200 O  O     . HOH D 3 . ? 3.704   8.275   9.490   0.50 31.36 ? 235 HOH A O     1 
HETATM 201 O  O     . HOH D 3 . ? -1.639  6.997   15.091  1.00 33.49 ? 236 HOH A O     1 
HETATM 202 O  O     . HOH D 3 . ? 1.905   0.448   -13.001 0.60 33.98 ? 237 HOH A O     1 
HETATM 203 O  O     . HOH D 3 . ? -8.698  4.592   7.282   1.00 23.11 ? 238 HOH A O     1 
HETATM 204 O  O     . HOH D 3 . ? 3.457   0.848   -9.018  0.60 23.02 ? 239 HOH A O     1 
HETATM 205 O  O     . HOH D 3 . ? 10.292  3.082   -0.897  0.50 24.40 ? 240 HOH A O     1 
HETATM 206 O  O     . HOH D 3 . ? 9.535   2.356   6.277   1.00 47.44 ? 241 HOH A O     1 
HETATM 207 O  O     . HOH D 3 . ? 5.219   7.145   8.051   0.60 37.59 ? 242 HOH A O     1 
HETATM 208 O  O     . HOH D 3 . ? -1.089  1.219   -1.558  1.00 40.84 ? 243 HOH A O     1 
HETATM 209 O  O     . HOH D 3 . ? 1.042   8.116   7.354   1.00 39.50 ? 244 HOH A O     1 
HETATM 210 O  O     . HOH D 3 . ? -3.682  12.324  13.368  0.50 32.82 ? 245 HOH A O     1 
HETATM 211 O  O     . HOH D 3 . ? 7.364   -5.150  -4.177  1.00 35.00 ? 246 HOH A O     1 
HETATM 212 O  O     . HOH D 3 . ? -5.866  -6.846  -2.256  1.00 37.19 ? 247 HOH A O     1 
HETATM 213 O  O     . HOH D 3 . ? 3.835   -2.434  8.717   1.00 20.86 ? 248 HOH A O     1 
HETATM 214 O  O     . HOH D 3 . ? -2.779  9.420   17.084  1.00 30.32 ? 249 HOH A O     1 
HETATM 215 O  O     . HOH D 3 . ? 2.633   5.713   1.909   1.00 31.78 ? 250 HOH A O     1 
HETATM 216 O  O     . HOH D 3 . ? -2.688  -0.699  -4.941  1.00 65.42 ? 251 HOH A O     1 
HETATM 217 O  O     . HOH D 3 . ? -3.598  11.838  16.417  1.00 36.40 ? 252 HOH A O     1 
HETATM 218 O  O     . HOH D 3 . ? 9.446   4.096   3.343   0.50 54.58 ? 253 HOH A O     1 
# 
loop_
_pdbx_poly_seq_scheme.asym_id 
_pdbx_poly_seq_scheme.entity_id 
_pdbx_poly_seq_scheme.seq_id 
_pdbx_poly_seq_scheme.mon_id 
_pdbx_poly_seq_scheme.ndb_seq_num 
_pdbx_poly_seq_scheme.pdb_seq_num 
_pdbx_poly_seq_scheme.auth_seq_num 
_pdbx_poly_seq_scheme.pdb_mon_id 
_pdbx_poly_seq_scheme.auth_mon_id 
_pdbx_poly_seq_scheme.pdb_strand_id 
_pdbx_poly_seq_scheme.pdb_ins_code 
_pdbx_poly_seq_scheme.hetero 
A 1 1 0DG 1 1 1 0DG 0DG A . n 
A 1 2 XE6 2 2 2 XE6 0MC A . n 
A 1 3 0DG 3 3 3 0DG 0DG A . n 
A 1 4 0DT 4 4 4 0DT 0DT A . n 
A 1 5 0DA 5 5 5 0DA 0DA A . n 
A 1 6 0DC 6 6 6 0DC 0DC A . n 
A 1 7 0DG 7 7 7 0DG 0DG A . n 
A 1 8 0DC 8 8 8 0DC 0DC A . n 
# 
_pdbx_contact_author.id                 2 
_pdbx_contact_author.email              wz15@iu.edu 
_pdbx_contact_author.name_first         Wen 
_pdbx_contact_author.name_last          Zhang 
_pdbx_contact_author.name_mi            ? 
_pdbx_contact_author.role               'principal investigator/group leader' 
_pdbx_contact_author.identifier_ORCID   0000-0003-4811-4384 
# 
loop_
_pdbx_nonpoly_scheme.asym_id 
_pdbx_nonpoly_scheme.entity_id 
_pdbx_nonpoly_scheme.mon_id 
_pdbx_nonpoly_scheme.ndb_seq_num 
_pdbx_nonpoly_scheme.pdb_seq_num 
_pdbx_nonpoly_scheme.auth_seq_num 
_pdbx_nonpoly_scheme.pdb_mon_id 
_pdbx_nonpoly_scheme.auth_mon_id 
_pdbx_nonpoly_scheme.pdb_strand_id 
_pdbx_nonpoly_scheme.pdb_ins_code 
B 2 MG  1  101 1  MG  MG  A . 
C 2 MG  1  102 2  MG  MG  A . 
D 3 HOH 1  201 42 HOH HOH A . 
D 3 HOH 2  202 8  HOH HOH A . 
D 3 HOH 3  203 29 HOH HOH A . 
D 3 HOH 4  204 38 HOH HOH A . 
D 3 HOH 5  205 9  HOH HOH A . 
D 3 HOH 6  206 4  HOH HOH A . 
D 3 HOH 7  207 24 HOH HOH A . 
D 3 HOH 8  208 10 HOH HOH A . 
D 3 HOH 9  209 23 HOH HOH A . 
D 3 HOH 10 210 27 HOH HOH A . 
D 3 HOH 11 211 13 HOH HOH A . 
D 3 HOH 12 212 2  HOH HOH A . 
D 3 HOH 13 213 45 HOH HOH A . 
D 3 HOH 14 214 46 HOH HOH A . 
D 3 HOH 15 215 17 HOH HOH A . 
D 3 HOH 16 216 3  HOH HOH A . 
D 3 HOH 17 217 25 HOH HOH A . 
D 3 HOH 18 218 7  HOH HOH A . 
D 3 HOH 19 219 1  HOH HOH A . 
D 3 HOH 20 220 48 HOH HOH A . 
D 3 HOH 21 221 49 HOH HOH A . 
D 3 HOH 22 222 18 HOH HOH A . 
D 3 HOH 23 223 11 HOH HOH A . 
D 3 HOH 24 224 43 HOH HOH A . 
D 3 HOH 25 225 20 HOH HOH A . 
D 3 HOH 26 226 47 HOH HOH A . 
D 3 HOH 27 227 5  HOH HOH A . 
D 3 HOH 28 228 22 HOH HOH A . 
D 3 HOH 29 229 16 HOH HOH A . 
D 3 HOH 30 230 54 HOH HOH A . 
D 3 HOH 31 231 40 HOH HOH A . 
D 3 HOH 32 232 31 HOH HOH A . 
D 3 HOH 33 233 35 HOH HOH A . 
D 3 HOH 34 234 19 HOH HOH A . 
D 3 HOH 35 235 50 HOH HOH A . 
D 3 HOH 36 236 12 HOH HOH A . 
D 3 HOH 37 237 41 HOH HOH A . 
D 3 HOH 38 238 21 HOH HOH A . 
D 3 HOH 39 239 32 HOH HOH A . 
D 3 HOH 40 240 51 HOH HOH A . 
D 3 HOH 41 241 44 HOH HOH A . 
D 3 HOH 42 242 39 HOH HOH A . 
D 3 HOH 43 243 53 HOH HOH A . 
D 3 HOH 44 244 14 HOH HOH A . 
D 3 HOH 45 245 52 HOH HOH A . 
D 3 HOH 46 246 28 HOH HOH A . 
D 3 HOH 47 247 37 HOH HOH A . 
D 3 HOH 48 248 6  HOH HOH A . 
D 3 HOH 49 249 33 HOH HOH A . 
D 3 HOH 50 250 36 HOH HOH A . 
D 3 HOH 51 251 55 HOH HOH A . 
D 3 HOH 52 252 15 HOH HOH A . 
D 3 HOH 53 253 26 HOH HOH A . 
# 
_pdbx_struct_assembly.id                   1 
_pdbx_struct_assembly.details              author_defined_assembly 
_pdbx_struct_assembly.method_details       ? 
_pdbx_struct_assembly.oligomeric_details   dimeric 
_pdbx_struct_assembly.oligomeric_count     2 
# 
loop_
_pdbx_struct_assembly_gen.assembly_id 
_pdbx_struct_assembly_gen.oper_expression 
_pdbx_struct_assembly_gen.asym_id_list 
1 1 A,B,C,D 
1 2 A,B,C,D 
# 
loop_
_pdbx_struct_oper_list.id 
_pdbx_struct_oper_list.type 
_pdbx_struct_oper_list.name 
_pdbx_struct_oper_list.symmetry_operation 
_pdbx_struct_oper_list.matrix[1][1] 
_pdbx_struct_oper_list.matrix[1][2] 
_pdbx_struct_oper_list.matrix[1][3] 
_pdbx_struct_oper_list.vector[1] 
_pdbx_struct_oper_list.matrix[2][1] 
_pdbx_struct_oper_list.matrix[2][2] 
_pdbx_struct_oper_list.matrix[2][3] 
_pdbx_struct_oper_list.vector[2] 
_pdbx_struct_oper_list.matrix[3][1] 
_pdbx_struct_oper_list.matrix[3][2] 
_pdbx_struct_oper_list.matrix[3][3] 
_pdbx_struct_oper_list.vector[3] 
1 'identity operation'         1_555 x,y,z        1.0000000000  0.0000000000  0.0000000000 0.0000000000  0.0000000000  1.0000000000  0.0000000000  0.0000000000  0.0000000000 0.0000000000  1.0000000000 0.0000000000 
2 'crystal symmetry operation' 8_555 -y,-x,-z+1/2 -0.5795313124 -0.2785522899 0.7658668812 -4.3346054075 -0.2785522899 -0.8154645507 -0.5073718443 -3.4386304888 0.7658668812 -0.5073718443 0.3949958631 1.1290832276 
# 
_pdbx_struct_special_symmetry.id              1 
_pdbx_struct_special_symmetry.PDB_model_num   1 
_pdbx_struct_special_symmetry.auth_asym_id    A 
_pdbx_struct_special_symmetry.auth_comp_id    HOH 
_pdbx_struct_special_symmetry.auth_seq_id     253 
_pdbx_struct_special_symmetry.PDB_ins_code    ? 
_pdbx_struct_special_symmetry.label_asym_id   D 
_pdbx_struct_special_symmetry.label_comp_id   HOH 
_pdbx_struct_special_symmetry.label_seq_id    . 
# 
loop_
_pdbx_struct_conn_angle.id 
_pdbx_struct_conn_angle.ptnr1_label_atom_id 
_pdbx_struct_conn_angle.ptnr1_label_alt_id 
_pdbx_struct_conn_angle.ptnr1_label_asym_id 
_pdbx_struct_conn_angle.ptnr1_label_comp_id 
_pdbx_struct_conn_angle.ptnr1_label_seq_id 
_pdbx_struct_conn_angle.ptnr1_auth_atom_id 
_pdbx_struct_conn_angle.ptnr1_auth_asym_id 
_pdbx_struct_conn_angle.ptnr1_auth_comp_id 
_pdbx_struct_conn_angle.ptnr1_auth_seq_id 
_pdbx_struct_conn_angle.ptnr1_PDB_ins_code 
_pdbx_struct_conn_angle.ptnr1_symmetry 
_pdbx_struct_conn_angle.ptnr2_label_atom_id 
_pdbx_struct_conn_angle.ptnr2_label_alt_id 
_pdbx_struct_conn_angle.ptnr2_label_asym_id 
_pdbx_struct_conn_angle.ptnr2_label_comp_id 
_pdbx_struct_conn_angle.ptnr2_label_seq_id 
_pdbx_struct_conn_angle.ptnr2_auth_atom_id 
_pdbx_struct_conn_angle.ptnr2_auth_asym_id 
_pdbx_struct_conn_angle.ptnr2_auth_comp_id 
_pdbx_struct_conn_angle.ptnr2_auth_seq_id 
_pdbx_struct_conn_angle.ptnr2_PDB_ins_code 
_pdbx_struct_conn_angle.ptnr2_symmetry 
_pdbx_struct_conn_angle.ptnr3_label_atom_id 
_pdbx_struct_conn_angle.ptnr3_label_alt_id 
_pdbx_struct_conn_angle.ptnr3_label_asym_id 
_pdbx_struct_conn_angle.ptnr3_label_comp_id 
_pdbx_struct_conn_angle.ptnr3_label_seq_id 
_pdbx_struct_conn_angle.ptnr3_auth_atom_id 
_pdbx_struct_conn_angle.ptnr3_auth_asym_id 
_pdbx_struct_conn_angle.ptnr3_auth_comp_id 
_pdbx_struct_conn_angle.ptnr3_auth_seq_id 
_pdbx_struct_conn_angle.ptnr3_PDB_ins_code 
_pdbx_struct_conn_angle.ptnr3_symmetry 
_pdbx_struct_conn_angle.value 
_pdbx_struct_conn_angle.value_esd 
1  OP2 ? A 0DG 3 ? A 0DG 3   ? 1_555 MG ? C MG . ? A MG 102 ? 1_555 O ? D HOH . ? A HOH 231 ? 1_555 82.7  ? 
2  OP2 ? A 0DG 3 ? A 0DG 3   ? 1_555 MG ? C MG . ? A MG 102 ? 1_555 O ? D HOH . ? A HOH 232 ? 6_444 169.8 ? 
3  O   ? D HOH . ? A HOH 231 ? 1_555 MG ? C MG . ? A MG 102 ? 1_555 O ? D HOH . ? A HOH 232 ? 6_444 87.5  ? 
4  OP2 ? A 0DG 3 ? A 0DG 3   ? 1_555 MG ? C MG . ? A MG 102 ? 1_555 O ? D HOH . ? A HOH 237 ? 1_555 88.4  ? 
5  O   ? D HOH . ? A HOH 231 ? 1_555 MG ? C MG . ? A MG 102 ? 1_555 O ? D HOH . ? A HOH 237 ? 1_555 77.7  ? 
6  O   ? D HOH . ? A HOH 232 ? 6_444 MG ? C MG . ? A MG 102 ? 1_555 O ? D HOH . ? A HOH 237 ? 1_555 86.7  ? 
7  OP2 ? A 0DG 3 ? A 0DG 3   ? 1_555 MG ? C MG . ? A MG 102 ? 1_555 O ? D HOH . ? A HOH 239 ? 1_555 91.5  ? 
8  O   ? D HOH . ? A HOH 231 ? 1_555 MG ? C MG . ? A MG 102 ? 1_555 O ? D HOH . ? A HOH 239 ? 1_555 84.6  ? 
9  O   ? D HOH . ? A HOH 232 ? 6_444 MG ? C MG . ? A MG 102 ? 1_555 O ? D HOH . ? A HOH 239 ? 1_555 90.4  ? 
10 O   ? D HOH . ? A HOH 237 ? 1_555 MG ? C MG . ? A MG 102 ? 1_555 O ? D HOH . ? A HOH 239 ? 1_555 162.1 ? 
11 OP2 ? A 0DG 3 ? A 0DG 3   ? 1_555 MG ? C MG . ? A MG 102 ? 1_555 O ? D HOH . ? A HOH 242 ? 6_444 104.3 ? 
12 O   ? D HOH . ? A HOH 231 ? 1_555 MG ? C MG . ? A MG 102 ? 1_555 O ? D HOH . ? A HOH 242 ? 6_444 173.0 ? 
13 O   ? D HOH . ? A HOH 232 ? 6_444 MG ? C MG . ? A MG 102 ? 1_555 O ? D HOH . ? A HOH 242 ? 6_444 85.5  ? 
14 O   ? D HOH . ? A HOH 237 ? 1_555 MG ? C MG . ? A MG 102 ? 1_555 O ? D HOH . ? A HOH 242 ? 6_444 101.7 ? 
15 O   ? D HOH . ? A HOH 239 ? 1_555 MG ? C MG . ? A MG 102 ? 1_555 O ? D HOH . ? A HOH 242 ? 6_444 95.7  ? 
16 O   ? D HOH . ? A HOH 211 ? 7_545 MG ? B MG . ? A MG 101 ? 1_555 O ? D HOH . ? A HOH 219 ? 6_444 85.4  ? 
17 O   ? D HOH . ? A HOH 211 ? 7_545 MG ? B MG . ? A MG 101 ? 1_555 O ? D HOH . ? A HOH 223 ? 6_444 99.0  ? 
18 O   ? D HOH . ? A HOH 219 ? 6_444 MG ? B MG . ? A MG 101 ? 1_555 O ? D HOH . ? A HOH 223 ? 6_444 80.7  ? 
19 O   ? D HOH . ? A HOH 211 ? 7_545 MG ? B MG . ? A MG 101 ? 1_555 O ? D HOH . ? A HOH 236 ? 7_545 87.9  ? 
20 O   ? D HOH . ? A HOH 219 ? 6_444 MG ? B MG . ? A MG 101 ? 1_555 O ? D HOH . ? A HOH 236 ? 7_545 163.7 ? 
21 O   ? D HOH . ? A HOH 223 ? 6_444 MG ? B MG . ? A MG 101 ? 1_555 O ? D HOH . ? A HOH 236 ? 7_545 85.7  ? 
22 O   ? D HOH . ? A HOH 211 ? 7_545 MG ? B MG . ? A MG 101 ? 1_555 O ? D HOH . ? A HOH 249 ? 7_545 88.5  ? 
23 O   ? D HOH . ? A HOH 219 ? 6_444 MG ? B MG . ? A MG 101 ? 1_555 O ? D HOH . ? A HOH 249 ? 7_545 97.5  ? 
24 O   ? D HOH . ? A HOH 223 ? 6_444 MG ? B MG . ? A MG 101 ? 1_555 O ? D HOH . ? A HOH 249 ? 7_545 172.1 ? 
25 O   ? D HOH . ? A HOH 236 ? 7_545 MG ? B MG . ? A MG 101 ? 1_555 O ? D HOH . ? A HOH 249 ? 7_545 97.2  ? 
26 O   ? D HOH . ? A HOH 211 ? 7_545 MG ? B MG . ? A MG 101 ? 1_555 O ? D HOH . ? A HOH 250 ? 6_444 175.4 ? 
27 O   ? D HOH . ? A HOH 219 ? 6_444 MG ? B MG . ? A MG 101 ? 1_555 O ? D HOH . ? A HOH 250 ? 6_444 98.6  ? 
28 O   ? D HOH . ? A HOH 223 ? 6_444 MG ? B MG . ? A MG 101 ? 1_555 O ? D HOH . ? A HOH 250 ? 6_444 83.9  ? 
29 O   ? D HOH . ? A HOH 236 ? 7_545 MG ? B MG . ? A MG 101 ? 1_555 O ? D HOH . ? A HOH 250 ? 6_444 88.8  ? 
30 O   ? D HOH . ? A HOH 249 ? 7_545 MG ? B MG . ? A MG 101 ? 1_555 O ? D HOH . ? A HOH 250 ? 6_444 88.7  ? 
# 
loop_
_pdbx_audit_revision_history.ordinal 
_pdbx_audit_revision_history.data_content_type 
_pdbx_audit_revision_history.major_revision 
_pdbx_audit_revision_history.minor_revision 
_pdbx_audit_revision_history.revision_date 
1 'Structure model' 1 0 2023-09-20 
2 'Structure model' 1 1 2023-09-27 
# 
_pdbx_audit_revision_details.ordinal             1 
_pdbx_audit_revision_details.revision_ordinal    1 
_pdbx_audit_revision_details.data_content_type   'Structure model' 
_pdbx_audit_revision_details.provider            repository 
_pdbx_audit_revision_details.type                'Initial release' 
_pdbx_audit_revision_details.description         ? 
_pdbx_audit_revision_details.details             ? 
# 
loop_
_pdbx_audit_revision_group.ordinal 
_pdbx_audit_revision_group.revision_ordinal 
_pdbx_audit_revision_group.data_content_type 
_pdbx_audit_revision_group.group 
1 2 'Structure model' 'Derived calculations'     
2 2 'Structure model' 'Experimental preparation' 
# 
loop_
_pdbx_audit_revision_category.ordinal 
_pdbx_audit_revision_category.revision_ordinal 
_pdbx_audit_revision_category.data_content_type 
_pdbx_audit_revision_category.category 
1 2 'Structure model' exptl_crystal            
2 2 'Structure model' pdbx_struct_assembly     
3 2 'Structure model' pdbx_struct_assembly_gen 
4 2 'Structure model' pdbx_struct_oper_list    
# 
loop_
_pdbx_audit_revision_item.ordinal 
_pdbx_audit_revision_item.revision_ordinal 
_pdbx_audit_revision_item.data_content_type 
_pdbx_audit_revision_item.item 
1 2 'Structure model' '_exptl_crystal.density_percent_sol'       
2 2 'Structure model' '_pdbx_struct_assembly.oligomeric_count'   
3 2 'Structure model' '_pdbx_struct_assembly.oligomeric_details' 
# 
loop_
_software.citation_id 
_software.classification 
_software.compiler_name 
_software.compiler_version 
_software.contact_author 
_software.contact_author_email 
_software.date 
_software.description 
_software.dependencies 
_software.hardware 
_software.language 
_software.location 
_software.mods 
_software.name 
_software.os 
_software.os_version 
_software.type 
_software.version 
_software.pdbx_ordinal 
? refinement       ? ? ? ? ? ? ? ? ? ? ? REFMAC   ? ? ? 5.8.0267 1 
? 'data reduction' ? ? ? ? ? ? ? ? ? ? ? HKL-2000 ? ? ? .        2 
? 'data scaling'   ? ? ? ? ? ? ? ? ? ? ? HKL-2000 ? ? ? .        3 
? phasing          ? ? ? ? ? ? ? ? ? ? ? PHASER   ? ? ? .        4 
# 
_pdbx_entry_details.entry_id                 8F5C 
_pdbx_entry_details.nonpolymer_details       ? 
_pdbx_entry_details.sequence_details         ? 
_pdbx_entry_details.compound_details         ? 
_pdbx_entry_details.source_details           ? 
_pdbx_entry_details.has_ligand_of_interest   Y 
# 
loop_
_pdbx_validate_rmsd_bond.id 
_pdbx_validate_rmsd_bond.PDB_model_num 
_pdbx_validate_rmsd_bond.auth_atom_id_1 
_pdbx_validate_rmsd_bond.auth_asym_id_1 
_pdbx_validate_rmsd_bond.auth_comp_id_1 
_pdbx_validate_rmsd_bond.auth_seq_id_1 
_pdbx_validate_rmsd_bond.PDB_ins_code_1 
_pdbx_validate_rmsd_bond.label_alt_id_1 
_pdbx_validate_rmsd_bond.auth_atom_id_2 
_pdbx_validate_rmsd_bond.auth_asym_id_2 
_pdbx_validate_rmsd_bond.auth_comp_id_2 
_pdbx_validate_rmsd_bond.auth_seq_id_2 
_pdbx_validate_rmsd_bond.PDB_ins_code_2 
_pdbx_validate_rmsd_bond.label_alt_id_2 
_pdbx_validate_rmsd_bond.bond_value 
_pdbx_validate_rmsd_bond.bond_target_value 
_pdbx_validate_rmsd_bond.bond_deviation 
_pdbx_validate_rmsd_bond.bond_standard_deviation 
_pdbx_validate_rmsd_bond.linker_flag 
1  1 "C4'" A 0DG 1 ? ? "C3'" A 0DG 1 ? ? 1.461 1.521 -0.060 0.010 N 
2  1 "C2'" A 0DG 1 ? ? "C1'" A 0DG 1 ? ? 1.454 1.518 -0.064 0.010 N 
3  1 C5    A 0DG 1 ? ? N7    A 0DG 1 ? ? 1.345 1.388 -0.043 0.006 N 
4  1 "O3'" A XE6 2 ? ? P     A 0DG 3 ? ? 1.697 1.607 0.090  0.012 Y 
5  1 P     A 0DG 3 ? ? OP1   A 0DG 3 ? ? 1.360 1.485 -0.125 0.017 N 
6  1 C8    A 0DG 3 ? ? N9    A 0DG 3 ? ? 1.321 1.374 -0.053 0.007 N 
7  1 C2    A 0DG 3 ? ? N2    A 0DG 3 ? ? 1.277 1.341 -0.064 0.010 N 
8  1 "O3'" A 0DG 3 ? ? P     A 0DT 4 ? ? 1.685 1.607 0.078  0.012 Y 
9  1 "C2'" A 0DT 4 ? ? "C1'" A 0DT 4 ? ? 1.421 1.518 -0.097 0.010 N 
10 1 C2    A 0DT 4 ? ? N3    A 0DT 4 ? ? 1.322 1.373 -0.051 0.008 N 
11 1 "C3'" A 0DA 5 ? ? "C2'" A 0DA 5 ? ? 1.448 1.516 -0.068 0.008 N 
12 1 "O3'" A 0DA 5 ? ? P     A 0DC 6 ? ? 1.691 1.607 0.084  0.012 Y 
13 1 "O3'" A 0DC 6 ? ? P     A 0DG 7 ? ? 1.734 1.607 0.127  0.012 Y 
14 1 "C4'" A 0DG 7 ? ? "C3'" A 0DG 7 ? ? 1.454 1.521 -0.067 0.010 N 
15 1 C6    A 0DG 7 ? ? N1    A 0DG 7 ? ? 1.347 1.391 -0.044 0.007 N 
16 1 C8    A 0DG 7 ? ? N9    A 0DG 7 ? ? 1.317 1.374 -0.057 0.007 N 
# 
loop_
_pdbx_validate_rmsd_angle.id 
_pdbx_validate_rmsd_angle.PDB_model_num 
_pdbx_validate_rmsd_angle.auth_atom_id_1 
_pdbx_validate_rmsd_angle.auth_asym_id_1 
_pdbx_validate_rmsd_angle.auth_comp_id_1 
_pdbx_validate_rmsd_angle.auth_seq_id_1 
_pdbx_validate_rmsd_angle.PDB_ins_code_1 
_pdbx_validate_rmsd_angle.label_alt_id_1 
_pdbx_validate_rmsd_angle.auth_atom_id_2 
_pdbx_validate_rmsd_angle.auth_asym_id_2 
_pdbx_validate_rmsd_angle.auth_comp_id_2 
_pdbx_validate_rmsd_angle.auth_seq_id_2 
_pdbx_validate_rmsd_angle.PDB_ins_code_2 
_pdbx_validate_rmsd_angle.label_alt_id_2 
_pdbx_validate_rmsd_angle.auth_atom_id_3 
_pdbx_validate_rmsd_angle.auth_asym_id_3 
_pdbx_validate_rmsd_angle.auth_comp_id_3 
_pdbx_validate_rmsd_angle.auth_seq_id_3 
_pdbx_validate_rmsd_angle.PDB_ins_code_3 
_pdbx_validate_rmsd_angle.label_alt_id_3 
_pdbx_validate_rmsd_angle.angle_value 
_pdbx_validate_rmsd_angle.angle_target_value 
_pdbx_validate_rmsd_angle.angle_deviation 
_pdbx_validate_rmsd_angle.angle_standard_deviation 
_pdbx_validate_rmsd_angle.linker_flag 
1  1 "O4'" A 0DG 1 ? ? "C4'" A 0DG 1 ? ? "C3'" A 0DG 1 ? ? 102.00 104.50 -2.50 0.40 N 
2  1 C5    A 0DG 1 ? ? C6    A 0DG 1 ? ? N1    A 0DG 1 ? ? 114.63 111.50 3.13  0.50 N 
3  1 N1    A 0DG 3 ? ? C2    A 0DG 3 ? ? N3    A 0DG 3 ? ? 119.17 123.90 -4.73 0.60 N 
4  1 C2    A 0DG 3 ? ? N3    A 0DG 3 ? ? C4    A 0DG 3 ? ? 117.22 111.90 5.32  0.50 N 
5  1 C5    A 0DG 3 ? ? C6    A 0DG 3 ? ? N1    A 0DG 3 ? ? 115.92 111.50 4.42  0.50 N 
6  1 "O4'" A 0DT 4 ? ? "C1'" A 0DT 4 ? ? N1    A 0DT 4 ? ? 111.48 108.30 3.18  0.30 N 
7  1 C2    A 0DT 4 ? ? N3    A 0DT 4 ? ? C4    A 0DT 4 ? ? 122.92 127.20 -4.28 0.60 N 
8  1 N3    A 0DT 4 ? ? C4    A 0DT 4 ? ? C5    A 0DT 4 ? ? 120.41 115.20 5.21  0.60 N 
9  1 "O5'" A 0DA 5 ? ? "C5'" A 0DA 5 ? ? "C4'" A 0DA 5 ? ? 103.36 109.40 -6.04 0.80 N 
10 1 "O4'" A 0DC 6 ? ? "C4'" A 0DC 6 ? ? "C3'" A 0DC 6 ? ? 101.48 104.50 -3.02 0.40 N 
11 1 "C3'" A 0DC 6 ? ? "C2'" A 0DC 6 ? ? "C1'" A 0DC 6 ? ? 97.26  102.40 -5.14 0.80 N 
12 1 N3    A 0DC 6 ? ? C4    A 0DC 6 ? ? C5    A 0DC 6 ? ? 119.18 121.90 -2.72 0.40 N 
13 1 C8    A 0DG 7 ? ? N9    A 0DG 7 ? ? C4    A 0DG 7 ? ? 108.86 106.40 2.46  0.40 N 
14 1 C6    A 0DG 7 ? ? C5    A 0DG 7 ? ? N7    A 0DG 7 ? ? 134.16 130.40 3.76  0.60 N 
15 1 C6    A 0DC 8 ? ? N1    A 0DC 8 ? ? C2    A 0DC 8 ? ? 122.94 120.30 2.64  0.40 N 
# 
loop_
_chem_comp_atom.comp_id 
_chem_comp_atom.atom_id 
_chem_comp_atom.type_symbol 
_chem_comp_atom.pdbx_aromatic_flag 
_chem_comp_atom.pdbx_stereo_config 
_chem_comp_atom.pdbx_ordinal 
0DA C8A    C  Y N 1   
0DA N9A    N  Y N 2   
0DA C4A    C  Y N 3   
0DA C5A    C  Y N 4   
0DA N7A    N  Y N 5   
0DA N3A    N  Y N 6   
0DA C2A    C  Y N 7   
0DA N1A    N  Y N 8   
0DA C6A    C  Y N 9   
0DA N6A    N  N N 10  
0DA "C4'"  C  N S 11  
0DA "O4'"  O  N N 12  
0DA "C3'"  C  N R 13  
0DA "C2'"  C  N N 14  
0DA "C1'"  C  N S 15  
0DA "O3'"  O  N N 16  
0DA "C5'"  C  N N 17  
0DA "O5'"  O  N N 18  
0DA P      P  N N 19  
0DA OP2    O  N N 20  
0DA OP3    O  N N 21  
0DA OP1    O  N N 22  
0DA H8A    H  N N 23  
0DA H2A    H  N N 24  
0DA HN61   H  N N 25  
0DA HN62   H  N N 26  
0DA "H4'"  H  N N 27  
0DA "H3'"  H  N N 28  
0DA "H2'"  H  N N 29  
0DA "H2''" H  N N 30  
0DA "H1'"  H  N N 31  
0DA "HO3'" H  N N 32  
0DA "H5'"  H  N N 33  
0DA "H5''" H  N N 34  
0DA H2P    H  N N 35  
0DA HOP3   H  N N 36  
0DC OP3    O  N N 37  
0DC P      P  N N 38  
0DC OP1    O  N N 39  
0DC OP2    O  N N 40  
0DC "O5'"  O  N N 41  
0DC "C5'"  C  N N 42  
0DC "C4'"  C  N S 43  
0DC "O4'"  O  N N 44  
0DC "C3'"  C  N R 45  
0DC "O3'"  O  N N 46  
0DC "C2'"  C  N N 47  
0DC "C1'"  C  N S 48  
0DC N1     N  N N 49  
0DC C2     C  N N 50  
0DC O2     O  N N 51  
0DC N3     N  N N 52  
0DC C4     C  N N 53  
0DC N4     N  N N 54  
0DC C5     C  N N 55  
0DC C6     C  N N 56  
0DC HOP3   H  N N 57  
0DC HOP2   H  N N 58  
0DC "H5'"  H  N N 59  
0DC "H5''" H  N N 60  
0DC "H4'"  H  N N 61  
0DC "H3'"  H  N N 62  
0DC "HO3'" H  N N 63  
0DC "H2'"  H  N N 64  
0DC "H2''" H  N N 65  
0DC "H1'"  H  N N 66  
0DC H41    H  N N 67  
0DC H42    H  N N 68  
0DC H5     H  N N 69  
0DC H6     H  N N 70  
0DG OP3    O  N N 71  
0DG P      P  N N 72  
0DG OP1    O  N N 73  
0DG OP2    O  N N 74  
0DG "O5'"  O  N N 75  
0DG "C5'"  C  N N 76  
0DG "C4'"  C  N S 77  
0DG "O4'"  O  N N 78  
0DG "C3'"  C  N R 79  
0DG "O3'"  O  N N 80  
0DG "C2'"  C  N N 81  
0DG "C1'"  C  N S 82  
0DG N9     N  Y N 83  
0DG C8     C  Y N 84  
0DG N7     N  Y N 85  
0DG C5     C  Y N 86  
0DG C6     C  N N 87  
0DG O6     O  N N 88  
0DG N1     N  N N 89  
0DG C2     C  N N 90  
0DG N2     N  N N 91  
0DG N3     N  N N 92  
0DG C4     C  Y N 93  
0DG HOP3   H  N N 94  
0DG HOP2   H  N N 95  
0DG "H5'"  H  N N 96  
0DG "H5''" H  N N 97  
0DG "H4'"  H  N N 98  
0DG "H3'"  H  N N 99  
0DG "HO3'" H  N N 100 
0DG "H2'"  H  N N 101 
0DG "H2''" H  N N 102 
0DG "H1'"  H  N N 103 
0DG H8     H  N N 104 
0DG H1     H  N N 105 
0DG H21    H  N N 106 
0DG H22    H  N N 107 
0DT OP3    O  N N 108 
0DT P      P  N N 109 
0DT OP1    O  N N 110 
0DT OP2    O  N N 111 
0DT "O5'"  O  N N 112 
0DT "C5'"  C  N N 113 
0DT "C4'"  C  N S 114 
0DT "O4'"  O  N N 115 
0DT "C3'"  C  N R 116 
0DT "O3'"  O  N N 117 
0DT "C2'"  C  N N 118 
0DT "C1'"  C  N S 119 
0DT N1     N  N N 120 
0DT C2     C  N N 121 
0DT O2     O  N N 122 
0DT N3     N  N N 123 
0DT C4     C  N N 124 
0DT O4     O  N N 125 
0DT C5     C  N N 126 
0DT C5M    C  N N 127 
0DT C6     C  N N 128 
0DT HOP3   H  N N 129 
0DT HOP2   H  N N 130 
0DT "H5'"  H  N N 131 
0DT "H5''" H  N N 132 
0DT "H4'"  H  N N 133 
0DT "H3'"  H  N N 134 
0DT "HO3'" H  N N 135 
0DT "H2'"  H  N N 136 
0DT "H2''" H  N N 137 
0DT "H1'"  H  N N 138 
0DT H3     H  N N 139 
0DT H71    H  N N 140 
0DT H72    H  N N 141 
0DT H73    H  N N 142 
0DT H6     H  N N 143 
HOH O      O  N N 144 
HOH H1     H  N N 145 
HOH H2     H  N N 146 
MG  MG     MG N N 147 
XE6 O2     O  N N 148 
XE6 C2     C  N N 149 
XE6 N3     N  N N 150 
XE6 C4     C  N N 151 
XE6 N4     N  N N 152 
XE6 C5     C  N N 153 
XE6 C6     C  N N 154 
XE6 N1     N  N N 155 
XE6 "C1'"  C  N S 156 
XE6 "O4'"  O  N N 157 
XE6 "C4'"  C  N S 158 
XE6 "C5'"  C  N N 159 
XE6 "O5'"  O  N N 160 
XE6 P      P  N N 161 
XE6 OP1    O  N N 162 
XE6 OP2    O  N N 163 
XE6 "C3'"  C  N S 164 
XE6 "O3'"  O  N N 165 
XE6 "C2'"  C  N S 166 
XE6 "O2'"  O  N N 167 
XE6 C22    C  N N 168 
XE6 H1     H  N N 169 
XE6 H2     H  N N 170 
XE6 H3     H  N N 171 
XE6 H4     H  N N 172 
XE6 H5     H  N N 173 
XE6 H6     H  N N 174 
XE6 H7     H  N N 175 
XE6 H8     H  N N 176 
XE6 H10    H  N N 177 
XE6 H11    H  N N 178 
XE6 H12    H  N N 179 
XE6 H13    H  N N 180 
XE6 H14    H  N N 181 
XE6 H15    H  N N 182 
XE6 H16    H  N N 183 
XE6 OP3    O  N N 184 
XE6 H9     H  N N 185 
# 
loop_
_chem_comp_bond.comp_id 
_chem_comp_bond.atom_id_1 
_chem_comp_bond.atom_id_2 
_chem_comp_bond.value_order 
_chem_comp_bond.pdbx_aromatic_flag 
_chem_comp_bond.pdbx_stereo_config 
_chem_comp_bond.pdbx_ordinal 
0DA C8A   N9A    sing Y N 1   
0DA C8A   N7A    doub Y N 2   
0DA N9A   C4A    sing Y N 3   
0DA N9A   "C1'"  sing N N 4   
0DA C4A   C5A    doub Y N 5   
0DA C4A   N3A    sing Y N 6   
0DA C5A   N7A    sing Y N 7   
0DA C5A   C6A    sing Y N 8   
0DA N3A   C2A    doub Y N 9   
0DA C2A   N1A    sing Y N 10  
0DA N1A   C6A    doub Y N 11  
0DA C6A   N6A    sing N N 12  
0DA "C4'" "O4'"  sing N N 13  
0DA "C4'" "C3'"  sing N N 14  
0DA "O4'" "C1'"  sing N N 15  
0DA "C3'" "C2'"  sing N N 16  
0DA "C2'" "C1'"  sing N N 17  
0DA "C3'" "O3'"  sing N N 18  
0DA "C4'" "C5'"  sing N N 19  
0DA "C5'" "O5'"  sing N N 20  
0DA "O5'" P      sing N N 21  
0DA P     OP2    sing N N 22  
0DA P     OP3    sing N N 23  
0DA P     OP1    doub N N 24  
0DA C8A   H8A    sing N N 25  
0DA C2A   H2A    sing N N 26  
0DA N6A   HN61   sing N N 27  
0DA N6A   HN62   sing N N 28  
0DA "C4'" "H4'"  sing N N 29  
0DA "C3'" "H3'"  sing N N 30  
0DA "C2'" "H2'"  sing N N 31  
0DA "C2'" "H2''" sing N N 32  
0DA "C1'" "H1'"  sing N N 33  
0DA "O3'" "HO3'" sing N N 34  
0DA "C5'" "H5'"  sing N N 35  
0DA "C5'" "H5''" sing N N 36  
0DA OP2   H2P    sing N N 37  
0DA OP3   HOP3   sing N N 38  
0DC OP3   P      sing N N 39  
0DC OP3   HOP3   sing N N 40  
0DC P     OP1    doub N N 41  
0DC P     OP2    sing N N 42  
0DC P     "O5'"  sing N N 43  
0DC OP2   HOP2   sing N N 44  
0DC "O5'" "C5'"  sing N N 45  
0DC "C5'" "C4'"  sing N N 46  
0DC "C5'" "H5'"  sing N N 47  
0DC "C5'" "H5''" sing N N 48  
0DC "C4'" "O4'"  sing N N 49  
0DC "C4'" "C3'"  sing N N 50  
0DC "C4'" "H4'"  sing N N 51  
0DC "O4'" "C1'"  sing N N 52  
0DC "C3'" "O3'"  sing N N 53  
0DC "C3'" "C2'"  sing N N 54  
0DC "C3'" "H3'"  sing N N 55  
0DC "O3'" "HO3'" sing N N 56  
0DC "C2'" "C1'"  sing N N 57  
0DC "C2'" "H2'"  sing N N 58  
0DC "C2'" "H2''" sing N N 59  
0DC "C1'" N1     sing N N 60  
0DC "C1'" "H1'"  sing N N 61  
0DC N1    C2     sing N N 62  
0DC N1    C6     sing N N 63  
0DC C2    O2     doub N N 64  
0DC C2    N3     sing N N 65  
0DC N3    C4     doub N N 66  
0DC C4    N4     sing N N 67  
0DC C4    C5     sing N N 68  
0DC N4    H41    sing N N 69  
0DC N4    H42    sing N N 70  
0DC C5    C6     doub N N 71  
0DC C5    H5     sing N N 72  
0DC C6    H6     sing N N 73  
0DG OP3   P      sing N N 74  
0DG OP3   HOP3   sing N N 75  
0DG P     OP1    doub N N 76  
0DG P     OP2    sing N N 77  
0DG P     "O5'"  sing N N 78  
0DG OP2   HOP2   sing N N 79  
0DG "O5'" "C5'"  sing N N 80  
0DG "C5'" "C4'"  sing N N 81  
0DG "C5'" "H5'"  sing N N 82  
0DG "C5'" "H5''" sing N N 83  
0DG "C4'" "O4'"  sing N N 84  
0DG "C4'" "C3'"  sing N N 85  
0DG "C4'" "H4'"  sing N N 86  
0DG "O4'" "C1'"  sing N N 87  
0DG "C3'" "O3'"  sing N N 88  
0DG "C3'" "C2'"  sing N N 89  
0DG "C3'" "H3'"  sing N N 90  
0DG "O3'" "HO3'" sing N N 91  
0DG "C2'" "C1'"  sing N N 92  
0DG "C2'" "H2'"  sing N N 93  
0DG "C2'" "H2''" sing N N 94  
0DG "C1'" N9     sing N N 95  
0DG "C1'" "H1'"  sing N N 96  
0DG N9    C8     sing Y N 97  
0DG N9    C4     sing Y N 98  
0DG C8    N7     doub Y N 99  
0DG C8    H8     sing N N 100 
0DG N7    C5     sing Y N 101 
0DG C5    C6     sing N N 102 
0DG C5    C4     doub Y N 103 
0DG C6    O6     doub N N 104 
0DG C6    N1     sing N N 105 
0DG N1    C2     sing N N 106 
0DG N1    H1     sing N N 107 
0DG C2    N2     sing N N 108 
0DG C2    N3     doub N N 109 
0DG N2    H21    sing N N 110 
0DG N2    H22    sing N N 111 
0DG N3    C4     sing N N 112 
0DT OP3   P      sing N N 113 
0DT OP3   HOP3   sing N N 114 
0DT P     OP1    doub N N 115 
0DT P     OP2    sing N N 116 
0DT P     "O5'"  sing N N 117 
0DT OP2   HOP2   sing N N 118 
0DT "O5'" "C5'"  sing N N 119 
0DT "C5'" "C4'"  sing N N 120 
0DT "C5'" "H5'"  sing N N 121 
0DT "C5'" "H5''" sing N N 122 
0DT "C4'" "O4'"  sing N N 123 
0DT "C4'" "C3'"  sing N N 124 
0DT "C4'" "H4'"  sing N N 125 
0DT "O4'" "C1'"  sing N N 126 
0DT "C3'" "O3'"  sing N N 127 
0DT "C3'" "C2'"  sing N N 128 
0DT "C3'" "H3'"  sing N N 129 
0DT "O3'" "HO3'" sing N N 130 
0DT "C2'" "C1'"  sing N N 131 
0DT "C2'" "H2'"  sing N N 132 
0DT "C2'" "H2''" sing N N 133 
0DT "C1'" N1     sing N N 134 
0DT "C1'" "H1'"  sing N N 135 
0DT N1    C2     sing N N 136 
0DT N1    C6     sing N N 137 
0DT C2    O2     doub N N 138 
0DT C2    N3     sing N N 139 
0DT N3    C4     sing N N 140 
0DT N3    H3     sing N N 141 
0DT C4    O4     doub N N 142 
0DT C4    C5     sing N N 143 
0DT C5    C5M    sing N N 144 
0DT C5    C6     doub N N 145 
0DT C5M   H71    sing N N 146 
0DT C5M   H72    sing N N 147 
0DT C5M   H73    sing N N 148 
0DT C6    H6     sing N N 149 
HOH O     H1     sing N N 150 
HOH O     H2     sing N N 151 
XE6 "O3'" "C3'"  sing N N 152 
XE6 C22   "O2'"  sing N N 153 
XE6 "O2'" "C2'"  sing N N 154 
XE6 "C3'" "C2'"  sing N N 155 
XE6 "C3'" "C4'"  sing N N 156 
XE6 "C2'" "C1'"  sing N N 157 
XE6 "C4'" "C5'"  sing N N 158 
XE6 "C4'" "O4'"  sing N N 159 
XE6 "C5'" "O5'"  sing N N 160 
XE6 OP2   P      sing N N 161 
XE6 "C1'" "O4'"  sing N N 162 
XE6 "C1'" N1     sing N N 163 
XE6 "O5'" P      sing N N 164 
XE6 O2    C2     doub N N 165 
XE6 N1    C2     sing N N 166 
XE6 N1    C6     sing N N 167 
XE6 P     OP1    doub N N 168 
XE6 C2    N3     sing N N 169 
XE6 C6    C5     doub N N 170 
XE6 N3    C4     doub N N 171 
XE6 C5    C4     sing N N 172 
XE6 C4    N4     sing N N 173 
XE6 N4    H1     sing N N 174 
XE6 N4    H2     sing N N 175 
XE6 C5    H3     sing N N 176 
XE6 C6    H4     sing N N 177 
XE6 "C1'" H5     sing N N 178 
XE6 "C4'" H6     sing N N 179 
XE6 "C5'" H7     sing N N 180 
XE6 "C5'" H8     sing N N 181 
XE6 OP2   H10    sing N N 182 
XE6 "C3'" H11    sing N N 183 
XE6 "O3'" H12    sing N N 184 
XE6 "C2'" H13    sing N N 185 
XE6 C22   H14    sing N N 186 
XE6 C22   H15    sing N N 187 
XE6 C22   H16    sing N N 188 
XE6 P     OP3    sing N N 189 
XE6 OP3   H9     sing N N 190 
# 
_ndb_struct_conf_na.entry_id   8F5C 
_ndb_struct_conf_na.feature    'z-form double helix' 
# 
loop_
_ndb_struct_na_base_pair.model_number 
_ndb_struct_na_base_pair.i_label_asym_id 
_ndb_struct_na_base_pair.i_label_comp_id 
_ndb_struct_na_base_pair.i_label_seq_id 
_ndb_struct_na_base_pair.i_symmetry 
_ndb_struct_na_base_pair.j_label_asym_id 
_ndb_struct_na_base_pair.j_label_comp_id 
_ndb_struct_na_base_pair.j_label_seq_id 
_ndb_struct_na_base_pair.j_symmetry 
_ndb_struct_na_base_pair.shear 
_ndb_struct_na_base_pair.stretch 
_ndb_struct_na_base_pair.stagger 
_ndb_struct_na_base_pair.buckle 
_ndb_struct_na_base_pair.propeller 
_ndb_struct_na_base_pair.opening 
_ndb_struct_na_base_pair.pair_number 
_ndb_struct_na_base_pair.pair_name 
_ndb_struct_na_base_pair.i_auth_asym_id 
_ndb_struct_na_base_pair.i_auth_seq_id 
_ndb_struct_na_base_pair.i_PDB_ins_code 
_ndb_struct_na_base_pair.j_auth_asym_id 
_ndb_struct_na_base_pair.j_auth_seq_id 
_ndb_struct_na_base_pair.j_PDB_ins_code 
_ndb_struct_na_base_pair.hbond_type_28 
_ndb_struct_na_base_pair.hbond_type_12 
1 A 0DG 1 1_555 A 0DC 8 8_555 0.277 -0.097 -0.267 -12.221 12.325 1.955  1 A_0DG1:0DC8_A A 1 ? A 8 ? 19 1 
1 A 0DG 3 1_555 A 0DC 6 8_555 0.274 -0.160 0.197  -3.857  13.106 -0.309 2 A_0DG3:0DC6_A A 3 ? A 6 ? 19 1 
1 A 0DG 1 8_555 A 0DC 8 1_555 0.277 -0.097 -0.267 -12.221 12.325 1.955  3 A_0DG1:0DC8_A A 1 ? A 8 ? 19 1 
1 A 0DG 3 8_555 A 0DC 6 1_555 0.274 -0.160 0.197  -3.857  13.106 -0.309 4 A_0DG3:0DC6_A A 3 ? A 6 ? 19 1 
# 
loop_
_ndb_struct_na_base_pair_step.model_number 
_ndb_struct_na_base_pair_step.i_label_asym_id_1 
_ndb_struct_na_base_pair_step.i_label_comp_id_1 
_ndb_struct_na_base_pair_step.i_label_seq_id_1 
_ndb_struct_na_base_pair_step.i_symmetry_1 
_ndb_struct_na_base_pair_step.j_label_asym_id_1 
_ndb_struct_na_base_pair_step.j_label_comp_id_1 
_ndb_struct_na_base_pair_step.j_label_seq_id_1 
_ndb_struct_na_base_pair_step.j_symmetry_1 
_ndb_struct_na_base_pair_step.i_label_asym_id_2 
_ndb_struct_na_base_pair_step.i_label_comp_id_2 
_ndb_struct_na_base_pair_step.i_label_seq_id_2 
_ndb_struct_na_base_pair_step.i_symmetry_2 
_ndb_struct_na_base_pair_step.j_label_asym_id_2 
_ndb_struct_na_base_pair_step.j_label_comp_id_2 
_ndb_struct_na_base_pair_step.j_label_seq_id_2 
_ndb_struct_na_base_pair_step.j_symmetry_2 
_ndb_struct_na_base_pair_step.shift 
_ndb_struct_na_base_pair_step.slide 
_ndb_struct_na_base_pair_step.rise 
_ndb_struct_na_base_pair_step.tilt 
_ndb_struct_na_base_pair_step.roll 
_ndb_struct_na_base_pair_step.twist 
_ndb_struct_na_base_pair_step.x_displacement 
_ndb_struct_na_base_pair_step.y_displacement 
_ndb_struct_na_base_pair_step.helical_rise 
_ndb_struct_na_base_pair_step.inclination 
_ndb_struct_na_base_pair_step.tip 
_ndb_struct_na_base_pair_step.helical_twist 
_ndb_struct_na_base_pair_step.step_number 
_ndb_struct_na_base_pair_step.step_name 
_ndb_struct_na_base_pair_step.i_auth_asym_id_1 
_ndb_struct_na_base_pair_step.i_auth_seq_id_1 
_ndb_struct_na_base_pair_step.i_PDB_ins_code_1 
_ndb_struct_na_base_pair_step.j_auth_asym_id_1 
_ndb_struct_na_base_pair_step.j_auth_seq_id_1 
_ndb_struct_na_base_pair_step.j_PDB_ins_code_1 
_ndb_struct_na_base_pair_step.i_auth_asym_id_2 
_ndb_struct_na_base_pair_step.i_auth_seq_id_2 
_ndb_struct_na_base_pair_step.i_PDB_ins_code_2 
_ndb_struct_na_base_pair_step.j_auth_asym_id_2 
_ndb_struct_na_base_pair_step.j_auth_seq_id_2 
_ndb_struct_na_base_pair_step.j_PDB_ins_code_2 
1 A 0DG 1 1_555 A 0DC 8 8_555 A 0DG 3 1_555 A 0DC 6 8_555 -0.555 -2.756 6.138 -4.184 -24.694 -59.923 4.413 -0.830 4.756 23.640 
-4.005 -64.495 1 AA_0DG10DG3:0DC60DC8_AA A 1 ? A 8 ? A 3 ? A 6 ? 
1 A 0DG 1 8_555 A 0DC 8 1_555 A 0DG 3 8_555 A 0DC 6 1_555 -0.555 -2.756 6.138 -4.184 -24.694 -59.923 4.413 -0.830 4.756 23.640 
-4.005 -64.495 2 AA_0DG10DG3:0DC60DC8_AA A 1 ? A 8 ? A 3 ? A 6 ? 
# 
_pdbx_audit_support.funding_organization   'Not funded' 
_pdbx_audit_support.country                ? 
_pdbx_audit_support.grant_number           ? 
_pdbx_audit_support.ordinal                1 
# 
_pdbx_entity_instance_feature.ordinal        1 
_pdbx_entity_instance_feature.comp_id        XE6 
_pdbx_entity_instance_feature.asym_id        ? 
_pdbx_entity_instance_feature.seq_num        ? 
_pdbx_entity_instance_feature.auth_comp_id   XE6 
_pdbx_entity_instance_feature.auth_asym_id   ? 
_pdbx_entity_instance_feature.auth_seq_num   ? 
_pdbx_entity_instance_feature.feature_type   'SUBJECT OF INVESTIGATION' 
_pdbx_entity_instance_feature.details        ? 
# 
loop_
_pdbx_entity_nonpoly.entity_id 
_pdbx_entity_nonpoly.name 
_pdbx_entity_nonpoly.comp_id 
2 'MAGNESIUM ION' MG  
3 water           HOH 
# 
_pdbx_struct_assembly_auth_evidence.id                     1 
_pdbx_struct_assembly_auth_evidence.assembly_id            1 
_pdbx_struct_assembly_auth_evidence.experimental_support   none 
_pdbx_struct_assembly_auth_evidence.details                ? 
# 
